data_7ZZ1
#
_entry.id   7ZZ1
#
_cell.length_a   1.00
_cell.length_b   1.00
_cell.length_c   1.00
_cell.angle_alpha   90.00
_cell.angle_beta   90.00
_cell.angle_gamma   90.00
#
_symmetry.space_group_name_H-M   'P 1'
#
loop_
_entity.id
_entity.type
_entity.pdbx_description
1 polymer 'Pyruvate carboxylase'
2 non-polymer 'MAGNESIUM ION'
3 non-polymer 'MANGANESE (II) ION'
4 non-polymer 'OXALOACETATE ION'
5 non-polymer BIOTIN
6 water water
#
_entity_poly.entity_id   1
_entity_poly.type   'polypeptide(L)'
_entity_poly.pdbx_seq_one_letter_code
;VPRGSHMKKLLVANRGEIAVRVFRACNELGLSTVAVYAREDEYSVHRFKADESYLIGQGKKPIDAYLDIDDIIRVALESG
ADAIHPGYGLLSENLEFATKVRAAGLVFVGPELHHLDIFGDKIKAKAAADEAKVPGIPGTNGAVDIDGALEFAKTYGYPV
MIKAALGGGGRGMRVARNDAEMHDGYARAKSEAIGAFGSGEIYVEKYIENPKHIEVQILGDRHGNIIHLHERDCSVQRRN
QKVIEIAPAVGLSPDFRNEICEAAVKLCKNVGYVNAGTVEFLVKDDKFYFIEVNPRVQVEHTITELITGVDIVQAQILIA
QGKDLHREIGLPAQSEIPLLGSAIQCRITTEDPQNGFLPDTGKIDTYRSPGGFGIRLDVGNAYAGYEVTPYFDSLLVKVC
TFANEFSDSVRKMDRVLHEFRIRGVKTNIPFLINVIANENFTSGQATTTFIDNTPSLFNFPRLRDRGTKTLHYLSMITVN
GFPGIENTEKRHFEEPRQPLLNLEKKKTAKNILDEQGADAVVDYVKNTKEVLLTDTTLRDAHQSLLATRLRLQDMKGIAQ
AIDQGLPELFSAEMWGGATFDVAYRFLNESPWYRLRKLRKLMPNTMFQMLFRGSNAVGYQNYPDNVIEEFIRVAAHEGID
VFRIFDSLNWLPQMEKSIQAVRDNGKIAEATICYTGDILDPSRPKYNIQYYKDLAKELEATGAHILAV(KCX)DMAGLLK
PQAAYRLISELKDTVDLPIHLHTHDTSGNGIITYSGATQAGVDIIDVATASLAGGTSQPSMQSIYYALEHGPRHASINVK
NAEQIDHYWEDVRKYYAPFEAGITSPQTEVYMHEMPGGQYTNLKSQAAAVGLGHRFDEIKQMYRKVNMMFGDIIKVTPSS
KVVGDMALFMIQNDLTEEDVYARGNELNFPESVVSFFRGDLGQPVGGFPEKLQKIIVKDKAVITDRPGLHAEKVDFETVK
ADLEQKIGYEPGDHEVISYIMYPQVFLDYQKMQREFGAVTLLDTPTFLHGMRLNEKIEVQIEKGKTLSIRLDEIGEPDLA
GNRVLFFNLNGQRREVVINDQSVQAQVVAKRKAETGNPNQIGATMPGSVLEILVKAGDKVQKGQALMVTEAMKMETTIEA
PFDGEIVDLHVVKGEAIQTQDLLIEIN
;
_entity_poly.pdbx_strand_id   A,B
#
loop_
_chem_comp.id
_chem_comp.type
_chem_comp.name
_chem_comp.formula
BTN non-polymer BIOTIN 'C10 H16 N2 O3 S'
MG non-polymer 'MAGNESIUM ION' 'Mg 2'
MN non-polymer 'MANGANESE (II) ION' 'Mn 2'
OAA non-polymer 'OXALOACETATE ION' 'C4 H3 O5 -1'
#
# COMPACT_ATOMS: atom_id res chain seq x y z
N ARG A 466 23.63 -21.29 11.92
CA ARG A 466 22.19 -21.03 11.81
C ARG A 466 21.49 -21.29 13.13
N GLY A 467 21.93 -22.31 13.85
CA GLY A 467 21.43 -22.51 15.20
C GLY A 467 21.84 -21.40 16.13
N THR A 468 23.06 -20.88 15.96
CA THR A 468 23.53 -19.75 16.74
C THR A 468 22.68 -18.51 16.47
N LYS A 469 22.36 -18.24 15.21
CA LYS A 469 21.54 -17.10 14.86
C LYS A 469 20.12 -17.25 15.40
N THR A 470 19.58 -18.46 15.33
CA THR A 470 18.24 -18.72 15.84
C THR A 470 18.17 -18.52 17.35
N LEU A 471 19.16 -19.05 18.09
CA LEU A 471 19.19 -18.83 19.53
C LEU A 471 19.42 -17.36 19.86
N HIS A 472 20.18 -16.65 19.04
CA HIS A 472 20.39 -15.23 19.24
C HIS A 472 19.07 -14.46 19.12
N TYR A 473 18.29 -14.76 18.09
CA TYR A 473 17.00 -14.09 17.91
C TYR A 473 16.05 -14.45 19.03
N LEU A 474 16.02 -15.73 19.43
CA LEU A 474 15.11 -16.17 20.48
C LEU A 474 15.43 -15.49 21.80
N SER A 475 16.73 -15.39 22.12
CA SER A 475 17.14 -14.70 23.34
C SER A 475 16.82 -13.21 23.27
N MET A 476 17.03 -12.58 22.12
CA MET A 476 16.73 -11.16 21.97
C MET A 476 15.25 -10.87 22.18
N ILE A 477 14.38 -11.67 21.57
CA ILE A 477 12.95 -11.44 21.72
C ILE A 477 12.48 -11.81 23.13
N THR A 478 13.05 -12.88 23.70
CA THR A 478 12.66 -13.29 25.04
C THR A 478 13.01 -12.23 26.07
N VAL A 479 14.18 -11.61 25.95
CA VAL A 479 14.61 -10.62 26.91
C VAL A 479 14.02 -9.25 26.63
N ASN A 480 14.30 -8.68 25.46
CA ASN A 480 13.95 -7.29 25.19
C ASN A 480 12.60 -7.11 24.50
N GLY A 481 11.91 -8.19 24.15
CA GLY A 481 10.61 -8.08 23.53
C GLY A 481 10.70 -7.76 22.06
N PHE A 482 9.55 -7.84 21.41
CA PHE A 482 9.44 -7.53 19.98
C PHE A 482 9.23 -6.04 19.80
N PRO A 483 9.90 -5.41 18.83
CA PRO A 483 9.76 -3.96 18.65
C PRO A 483 8.34 -3.58 18.23
N GLY A 484 7.81 -2.55 18.87
CA GLY A 484 6.54 -2.01 18.49
C GLY A 484 5.33 -2.64 19.14
N ILE A 485 5.50 -3.69 19.93
CA ILE A 485 4.39 -4.31 20.64
C ILE A 485 4.77 -4.44 22.11
N GLU A 486 3.74 -4.62 22.95
CA GLU A 486 3.96 -4.79 24.37
C GLU A 486 4.61 -6.15 24.66
N ASN A 487 5.54 -6.17 25.62
CA ASN A 487 6.30 -7.37 25.96
C ASN A 487 5.43 -8.28 26.83
N THR A 488 4.43 -8.87 26.20
CA THR A 488 3.46 -9.68 26.92
C THR A 488 3.92 -11.13 27.02
N GLU A 489 3.19 -11.90 27.83
CA GLU A 489 3.48 -13.30 28.01
C GLU A 489 3.07 -14.10 26.78
N LYS A 490 3.90 -15.08 26.41
CA LYS A 490 3.63 -15.93 25.27
C LYS A 490 2.52 -16.92 25.62
N ARG A 491 1.34 -16.71 25.06
CA ARG A 491 0.21 -17.60 25.36
C ARG A 491 0.36 -18.92 24.63
N HIS A 492 -0.12 -19.98 25.26
CA HIS A 492 -0.10 -21.30 24.63
C HIS A 492 -1.19 -21.37 23.59
N PHE A 493 -0.80 -21.67 22.36
CA PHE A 493 -1.74 -21.81 21.25
C PHE A 493 -1.80 -23.27 20.83
N GLU A 494 -3.01 -23.76 20.62
CA GLU A 494 -3.17 -25.04 19.97
C GLU A 494 -2.86 -24.91 18.48
N GLU A 495 -2.60 -26.04 17.84
CA GLU A 495 -2.30 -26.03 16.42
C GLU A 495 -3.53 -25.60 15.64
N PRO A 496 -3.36 -24.79 14.59
CA PRO A 496 -4.53 -24.37 13.79
C PRO A 496 -5.17 -25.55 13.09
N ARG A 497 -6.50 -25.46 12.93
CA ARG A 497 -7.24 -26.57 12.35
C ARG A 497 -6.98 -26.69 10.87
N GLN A 498 -6.65 -27.89 10.45
CA GLN A 498 -6.42 -28.15 9.04
C GLN A 498 -7.73 -28.46 8.35
N PRO A 499 -7.95 -28.00 7.13
CA PRO A 499 -9.23 -28.24 6.45
C PRO A 499 -9.39 -29.69 6.05
N LEU A 500 -10.63 -30.15 6.04
CA LEU A 500 -11.00 -31.42 5.42
C LEU A 500 -11.76 -31.07 4.16
N LEU A 501 -11.17 -31.37 3.01
CA LEU A 501 -11.61 -30.84 1.74
C LEU A 501 -12.15 -31.94 0.84
N ASN A 502 -13.17 -31.61 0.06
CA ASN A 502 -13.64 -32.46 -1.03
C ASN A 502 -13.03 -31.91 -2.31
N LEU A 503 -12.01 -32.58 -2.82
CA LEU A 503 -11.24 -32.05 -3.93
C LEU A 503 -11.87 -32.41 -5.26
N GLU A 504 -12.07 -31.41 -6.11
CA GLU A 504 -12.48 -31.60 -7.49
C GLU A 504 -11.40 -31.06 -8.40
N LYS A 505 -10.96 -31.86 -9.37
CA LYS A 505 -9.90 -31.46 -10.28
C LYS A 505 -10.49 -30.63 -11.41
N LYS A 506 -10.18 -29.35 -11.43
CA LYS A 506 -10.73 -28.44 -12.42
C LYS A 506 -9.60 -27.71 -13.14
N LYS A 507 -9.88 -27.31 -14.38
CA LYS A 507 -8.96 -26.46 -15.11
C LYS A 507 -9.13 -25.01 -14.67
N THR A 508 -8.05 -24.39 -14.22
CA THR A 508 -8.09 -23.05 -13.68
C THR A 508 -7.62 -22.04 -14.72
N ALA A 509 -7.76 -20.76 -14.37
CA ALA A 509 -7.31 -19.70 -15.26
C ALA A 509 -5.80 -19.67 -15.36
N LYS A 510 -5.10 -20.12 -14.30
CA LYS A 510 -3.65 -20.25 -14.35
C LYS A 510 -3.22 -21.25 -15.40
N ASN A 511 -3.94 -22.36 -15.53
CA ASN A 511 -3.64 -23.35 -16.57
C ASN A 511 -3.86 -22.77 -17.96
N ILE A 512 -4.91 -21.99 -18.13
CA ILE A 512 -5.18 -21.35 -19.42
C ILE A 512 -4.09 -20.35 -19.77
N LEU A 513 -3.63 -19.59 -18.77
CA LEU A 513 -2.53 -18.65 -18.99
C LEU A 513 -1.25 -19.38 -19.35
N ASP A 514 -0.96 -20.48 -18.66
CA ASP A 514 0.26 -21.23 -18.91
C ASP A 514 0.27 -21.85 -20.30
N GLU A 515 -0.89 -22.35 -20.75
CA GLU A 515 -0.94 -23.03 -22.03
C GLU A 515 -1.33 -22.11 -23.19
N GLN A 516 -2.35 -21.28 -23.04
CA GLN A 516 -2.91 -20.56 -24.16
C GLN A 516 -2.68 -19.05 -24.11
N GLY A 517 -2.30 -18.49 -22.98
CA GLY A 517 -1.97 -17.08 -22.93
C GLY A 517 -2.99 -16.23 -22.24
N ALA A 518 -2.70 -14.92 -22.22
CA ALA A 518 -3.50 -13.97 -21.44
C ALA A 518 -4.83 -13.69 -22.12
N ASP A 519 -4.83 -13.59 -23.45
CA ASP A 519 -6.07 -13.32 -24.17
C ASP A 519 -7.06 -14.47 -24.02
N ALA A 520 -6.55 -15.70 -23.90
CA ALA A 520 -7.44 -16.82 -23.65
C ALA A 520 -8.02 -16.78 -22.23
N VAL A 521 -7.25 -16.29 -21.26
CA VAL A 521 -7.79 -16.07 -19.93
C VAL A 521 -8.91 -15.03 -19.98
N VAL A 522 -8.71 -13.97 -20.77
CA VAL A 522 -9.73 -12.94 -20.93
C VAL A 522 -10.98 -13.54 -21.56
N ASP A 523 -10.82 -14.38 -22.58
CA ASP A 523 -11.95 -15.02 -23.23
C ASP A 523 -12.66 -15.97 -22.28
N TYR A 524 -11.91 -16.66 -21.42
CA TYR A 524 -12.53 -17.56 -20.44
C TYR A 524 -13.32 -16.77 -19.41
N VAL A 525 -12.80 -15.62 -18.99
CA VAL A 525 -13.53 -14.75 -18.07
C VAL A 525 -14.80 -14.21 -18.73
N LYS A 526 -14.69 -13.81 -20.00
CA LYS A 526 -15.85 -13.29 -20.72
C LYS A 526 -16.92 -14.36 -20.92
N ASN A 527 -16.50 -15.62 -21.04
CA ASN A 527 -17.47 -16.69 -21.26
C ASN A 527 -18.03 -17.27 -19.97
N THR A 528 -17.49 -16.90 -18.82
CA THR A 528 -18.04 -17.34 -17.54
C THR A 528 -19.28 -16.53 -17.22
N LYS A 529 -20.42 -17.20 -17.07
CA LYS A 529 -21.64 -16.50 -16.69
C LYS A 529 -21.62 -16.16 -15.20
N GLU A 530 -20.98 -17.00 -14.40
CA GLU A 530 -20.86 -16.74 -12.98
C GLU A 530 -19.87 -15.61 -12.73
N VAL A 531 -19.98 -14.99 -11.55
CA VAL A 531 -19.00 -14.00 -11.15
C VAL A 531 -17.78 -14.71 -10.57
N LEU A 532 -16.60 -14.32 -11.02
CA LEU A 532 -15.37 -14.92 -10.55
C LEU A 532 -14.90 -14.22 -9.28
N LEU A 533 -14.10 -14.94 -8.49
CA LEU A 533 -13.65 -14.45 -7.20
C LEU A 533 -12.13 -14.40 -7.16
N THR A 534 -11.61 -13.29 -6.65
CA THR A 534 -10.19 -13.15 -6.36
C THR A 534 -10.01 -13.08 -4.85
N ASP A 535 -9.21 -13.98 -4.31
CA ASP A 535 -8.99 -14.04 -2.87
C ASP A 535 -7.89 -13.05 -2.48
N THR A 536 -8.26 -12.06 -1.67
CA THR A 536 -7.31 -11.08 -1.17
C THR A 536 -6.87 -11.37 0.26
N THR A 537 -7.00 -12.62 0.71
CA THR A 537 -6.61 -12.98 2.06
C THR A 537 -5.12 -12.77 2.28
N LEU A 538 -4.30 -13.12 1.29
CA LEU A 538 -2.87 -13.12 1.46
C LEU A 538 -2.23 -11.74 1.31
N ARG A 539 -2.94 -10.76 0.73
CA ARG A 539 -2.40 -9.41 0.77
C ARG A 539 -3.30 -8.39 1.45
N ASP A 540 -4.50 -8.18 0.90
CA ASP A 540 -5.25 -6.98 1.27
C ASP A 540 -6.02 -7.17 2.56
N ALA A 541 -6.46 -8.40 2.84
CA ALA A 541 -7.22 -8.67 4.06
C ALA A 541 -6.36 -8.44 5.30
N HIS A 542 -5.11 -8.89 5.27
CA HIS A 542 -4.25 -8.67 6.42
C HIS A 542 -3.55 -7.32 6.37
N GLN A 543 -3.48 -6.69 5.19
CA GLN A 543 -3.04 -5.30 5.15
C GLN A 543 -4.04 -4.39 5.83
N SER A 544 -5.33 -4.64 5.60
CA SER A 544 -6.37 -3.77 6.16
C SER A 544 -6.60 -4.05 7.64
N LEU A 545 -6.49 -5.31 8.06
CA LEU A 545 -6.85 -5.71 9.41
C LEU A 545 -5.66 -5.86 10.33
N LEU A 546 -4.57 -6.49 9.89
CA LEU A 546 -3.47 -6.86 10.77
C LEU A 546 -2.22 -6.03 10.52
N ALA A 547 -2.36 -4.86 9.91
CA ALA A 547 -1.25 -3.96 9.57
C ALA A 547 -0.18 -4.66 8.74
N THR A 548 -0.62 -5.50 7.80
CA THR A 548 0.20 -6.20 6.80
C THR A 548 1.19 -7.17 7.44
N ARG A 549 0.96 -7.57 8.69
CA ARG A 549 1.96 -8.32 9.45
C ARG A 549 1.88 -9.83 9.27
N LEU A 550 0.98 -10.33 8.41
CA LEU A 550 0.84 -11.77 8.24
C LEU A 550 2.10 -12.38 7.66
N ARG A 551 2.59 -13.43 8.29
CA ARG A 551 3.88 -14.01 7.97
C ARG A 551 3.72 -15.21 7.03
N LEU A 552 4.82 -15.52 6.33
CA LEU A 552 4.79 -16.58 5.33
C LEU A 552 4.57 -17.96 5.94
N GLN A 553 4.85 -18.12 7.23
CA GLN A 553 4.67 -19.42 7.89
C GLN A 553 3.21 -19.86 7.89
N ASP A 554 2.30 -18.94 8.20
CA ASP A 554 0.88 -19.27 8.21
C ASP A 554 0.35 -19.46 6.78
N MET A 555 0.78 -18.59 5.86
CA MET A 555 0.41 -18.72 4.47
C MET A 555 0.85 -20.06 3.90
N LYS A 556 2.05 -20.51 4.26
CA LYS A 556 2.51 -21.80 3.76
C LYS A 556 1.85 -22.94 4.49
N GLY A 557 1.33 -22.67 5.69
CA GLY A 557 0.50 -23.66 6.35
C GLY A 557 -0.79 -23.95 5.60
N ILE A 558 -1.34 -22.94 4.93
CA ILE A 558 -2.66 -23.11 4.28
C ILE A 558 -2.61 -23.03 2.75
N ALA A 559 -1.44 -22.79 2.15
CA ALA A 559 -1.38 -22.47 0.72
C ALA A 559 -1.81 -23.62 -0.17
N GLN A 560 -1.38 -24.84 0.16
CA GLN A 560 -1.77 -26.00 -0.65
C GLN A 560 -3.27 -26.25 -0.56
N ALA A 561 -3.85 -26.05 0.62
CA ALA A 561 -5.29 -26.21 0.78
C ALA A 561 -6.06 -25.15 0.01
N ILE A 562 -5.51 -23.93 -0.08
CA ILE A 562 -6.15 -22.90 -0.90
C ILE A 562 -6.08 -23.27 -2.37
N ASP A 563 -4.92 -23.78 -2.81
CA ASP A 563 -4.74 -24.10 -4.23
C ASP A 563 -5.61 -25.28 -4.66
N GLN A 564 -5.76 -26.28 -3.80
CA GLN A 564 -6.53 -27.47 -4.18
C GLN A 564 -8.01 -27.35 -3.85
N GLY A 565 -8.36 -26.81 -2.68
CA GLY A 565 -9.74 -26.77 -2.26
C GLY A 565 -10.55 -25.71 -2.98
N LEU A 566 -9.89 -24.66 -3.47
CA LEU A 566 -10.57 -23.57 -4.19
C LEU A 566 -9.92 -23.34 -5.54
N PRO A 567 -10.08 -24.26 -6.50
CA PRO A 567 -9.55 -23.99 -7.84
C PRO A 567 -10.44 -23.09 -8.66
N GLU A 568 -11.61 -22.72 -8.15
CA GLU A 568 -12.54 -21.89 -8.91
C GLU A 568 -12.15 -20.42 -8.83
N LEU A 569 -11.18 -20.08 -7.99
CA LEU A 569 -10.73 -18.71 -7.86
C LEU A 569 -10.08 -18.24 -9.15
N PHE A 570 -10.41 -17.02 -9.55
CA PHE A 570 -9.75 -16.42 -10.71
C PHE A 570 -8.27 -16.19 -10.42
N SER A 571 -7.96 -15.67 -9.25
CA SER A 571 -6.59 -15.40 -8.85
C SER A 571 -6.56 -15.25 -7.33
N ALA A 572 -5.35 -15.18 -6.79
CA ALA A 572 -5.13 -14.89 -5.39
C ALA A 572 -4.21 -13.69 -5.28
N GLU A 573 -4.67 -12.65 -4.61
CA GLU A 573 -3.84 -11.47 -4.37
C GLU A 573 -2.94 -11.78 -3.19
N MET A 574 -1.65 -11.91 -3.46
CA MET A 574 -0.69 -12.33 -2.44
C MET A 574 0.58 -11.49 -2.42
N TRP A 575 0.65 -10.45 -3.25
CA TRP A 575 1.90 -9.73 -3.41
C TRP A 575 1.62 -8.28 -3.72
N GLY A 576 2.64 -7.46 -3.52
CA GLY A 576 2.52 -6.04 -3.81
C GLY A 576 1.80 -5.29 -2.71
N GLY A 577 1.54 -4.02 -2.99
CA GLY A 577 0.95 -3.17 -1.98
C GLY A 577 1.92 -2.90 -0.86
N ALA A 578 1.43 -2.98 0.37
CA ALA A 578 2.28 -2.73 1.52
C ALA A 578 3.11 -3.95 1.91
N THR A 579 2.84 -5.12 1.31
CA THR A 579 3.51 -6.35 1.74
C THR A 579 5.00 -6.30 1.43
N PHE A 580 5.37 -5.73 0.28
CA PHE A 580 6.78 -5.68 -0.13
C PHE A 580 7.61 -4.89 0.86
N ASP A 581 7.09 -3.73 1.29
CA ASP A 581 7.80 -2.94 2.29
C ASP A 581 7.76 -3.61 3.65
N VAL A 582 6.59 -4.11 4.06
CA VAL A 582 6.38 -4.54 5.43
C VAL A 582 7.16 -5.81 5.73
N ALA A 583 7.20 -6.75 4.78
CA ALA A 583 7.93 -8.01 4.99
C ALA A 583 9.39 -7.75 5.31
N TYR A 584 10.05 -6.96 4.45
CA TYR A 584 11.44 -6.54 4.68
C TYR A 584 11.60 -5.79 5.99
N ARG A 585 10.76 -4.77 6.22
CA ARG A 585 11.02 -3.83 7.30
C ARG A 585 10.72 -4.42 8.66
N PHE A 586 9.56 -5.07 8.80
CA PHE A 586 9.09 -5.56 10.08
C PHE A 586 9.15 -7.08 10.21
N LEU A 587 8.80 -7.81 9.15
CA LEU A 587 8.75 -9.26 9.29
C LEU A 587 10.10 -9.92 9.06
N ASN A 588 11.07 -9.17 8.53
CA ASN A 588 12.44 -9.63 8.29
C ASN A 588 12.47 -10.86 7.40
N GLU A 589 11.58 -10.91 6.42
CA GLU A 589 11.56 -11.95 5.41
C GLU A 589 11.47 -11.29 4.04
N SER A 590 12.15 -11.89 3.07
CA SER A 590 12.14 -11.35 1.72
C SER A 590 10.79 -11.61 1.07
N PRO A 591 10.14 -10.60 0.49
CA PRO A 591 8.90 -10.87 -0.28
C PRO A 591 9.14 -11.74 -1.50
N TRP A 592 10.33 -11.70 -2.08
CA TRP A 592 10.66 -12.62 -3.17
C TRP A 592 10.67 -14.05 -2.70
N TYR A 593 11.20 -14.29 -1.49
CA TYR A 593 11.18 -15.62 -0.90
C TYR A 593 9.75 -16.08 -0.66
N ARG A 594 8.90 -15.18 -0.18
CA ARG A 594 7.49 -15.51 0.04
C ARG A 594 6.81 -15.87 -1.26
N LEU A 595 7.10 -15.10 -2.32
CA LEU A 595 6.52 -15.37 -3.63
C LEU A 595 6.97 -16.72 -4.16
N ARG A 596 8.26 -17.05 -3.99
CA ARG A 596 8.77 -18.35 -4.44
C ARG A 596 8.11 -19.50 -3.70
N LYS A 597 8.03 -19.38 -2.37
CA LYS A 597 7.46 -20.47 -1.57
C LYS A 597 5.99 -20.69 -1.89
N LEU A 598 5.24 -19.59 -2.03
CA LEU A 598 3.82 -19.70 -2.37
C LEU A 598 3.63 -20.21 -3.80
N ARG A 599 4.53 -19.84 -4.71
CA ARG A 599 4.44 -20.33 -6.08
C ARG A 599 4.67 -21.82 -6.15
N LYS A 600 5.62 -22.33 -5.36
CA LYS A 600 5.81 -23.77 -5.28
C LYS A 600 4.62 -24.46 -4.65
N LEU A 601 4.03 -23.85 -3.62
CA LEU A 601 2.92 -24.50 -2.93
C LEU A 601 1.61 -24.40 -3.71
N MET A 602 1.47 -23.40 -4.59
CA MET A 602 0.22 -23.17 -5.32
C MET A 602 0.50 -23.12 -6.80
N PRO A 603 0.69 -24.28 -7.43
CA PRO A 603 1.07 -24.25 -8.86
C PRO A 603 -0.08 -23.91 -9.79
N ASN A 604 -1.31 -24.22 -9.41
CA ASN A 604 -2.47 -24.01 -10.26
C ASN A 604 -3.27 -22.77 -9.91
N THR A 605 -2.77 -21.95 -8.98
CA THR A 605 -3.46 -20.74 -8.57
C THR A 605 -2.79 -19.55 -9.24
N MET A 606 -3.57 -18.77 -9.97
CA MET A 606 -3.06 -17.55 -10.57
C MET A 606 -2.70 -16.54 -9.48
N PHE A 607 -1.54 -15.92 -9.61
CA PHE A 607 -1.03 -15.01 -8.60
C PHE A 607 -1.25 -13.57 -9.05
N GLN A 608 -1.83 -12.76 -8.17
CA GLN A 608 -2.13 -11.37 -8.46
C GLN A 608 -1.32 -10.48 -7.54
N MET A 609 -0.76 -9.41 -8.09
CA MET A 609 0.00 -8.43 -7.33
C MET A 609 -0.57 -7.05 -7.59
N LEU A 610 -0.43 -6.18 -6.60
CA LEU A 610 -0.86 -4.78 -6.72
C LEU A 610 0.36 -3.94 -7.06
N PHE A 611 0.32 -3.28 -8.21
CA PHE A 611 1.44 -2.51 -8.73
C PHE A 611 1.02 -1.05 -8.85
N ARG A 612 1.74 -0.16 -8.19
CA ARG A 612 1.33 1.25 -8.19
C ARG A 612 1.93 2.03 -9.35
N GLY A 613 1.81 1.48 -10.56
CA GLY A 613 2.21 2.19 -11.77
C GLY A 613 3.69 2.53 -11.77
N SER A 614 3.97 3.82 -11.89
CA SER A 614 5.35 4.29 -11.85
C SER A 614 5.89 4.32 -10.44
N ASN A 615 5.03 4.23 -9.44
CA ASN A 615 5.48 4.18 -8.06
C ASN A 615 5.89 2.78 -7.63
N ALA A 616 5.63 1.77 -8.45
CA ALA A 616 6.06 0.36 -8.28
C ALA A 616 5.46 -0.17 -6.97
N VAL A 617 6.27 -0.64 -6.03
CA VAL A 617 5.76 -1.03 -4.72
C VAL A 617 6.21 -0.01 -3.68
N GLY A 618 6.71 1.13 -4.15
CA GLY A 618 7.17 2.19 -3.27
C GLY A 618 6.18 3.32 -3.15
N TYR A 619 6.69 4.45 -2.66
CA TYR A 619 5.89 5.67 -2.50
C TYR A 619 6.43 6.83 -3.33
N GLN A 620 7.31 6.56 -4.28
CA GLN A 620 7.90 7.61 -5.09
C GLN A 620 8.06 7.10 -6.51
N ASN A 621 8.30 8.03 -7.42
CA ASN A 621 8.48 7.68 -8.81
C ASN A 621 9.80 6.94 -9.01
N TYR A 622 9.79 5.99 -9.94
CA TYR A 622 10.98 5.26 -10.35
C TYR A 622 11.12 5.35 -11.86
N PRO A 623 12.34 5.31 -12.38
CA PRO A 623 12.53 5.37 -13.84
C PRO A 623 11.96 4.15 -14.55
N ASP A 624 11.70 4.32 -15.84
CA ASP A 624 10.92 3.35 -16.60
C ASP A 624 11.63 2.01 -16.73
N ASN A 625 12.96 2.03 -16.89
CA ASN A 625 13.69 0.78 -17.00
C ASN A 625 13.65 0.00 -15.69
N VAL A 626 13.59 0.72 -14.56
CA VAL A 626 13.48 0.08 -13.26
C VAL A 626 12.11 -0.57 -13.09
N ILE A 627 11.05 0.10 -13.55
CA ILE A 627 9.70 -0.47 -13.53
C ILE A 627 9.63 -1.70 -14.41
N GLU A 628 10.21 -1.63 -15.61
CA GLU A 628 10.20 -2.76 -16.54
C GLU A 628 10.99 -3.93 -15.98
N GLU A 629 12.10 -3.65 -15.30
CA GLU A 629 12.88 -4.72 -14.69
C GLU A 629 12.13 -5.38 -13.55
N PHE A 630 11.43 -4.58 -12.72
CA PHE A 630 10.61 -5.17 -11.66
C PHE A 630 9.52 -6.06 -12.26
N ILE A 631 8.89 -5.60 -13.33
CA ILE A 631 7.81 -6.39 -13.93
C ILE A 631 8.35 -7.69 -14.52
N ARG A 632 9.52 -7.62 -15.16
CA ARG A 632 10.13 -8.82 -15.73
C ARG A 632 10.50 -9.83 -14.64
N VAL A 633 11.15 -9.35 -13.57
CA VAL A 633 11.59 -10.25 -12.50
C VAL A 633 10.38 -10.83 -11.76
N ALA A 634 9.36 -10.00 -11.51
CA ALA A 634 8.19 -10.48 -10.78
C ALA A 634 7.39 -11.46 -11.62
N ALA A 635 7.30 -11.25 -12.94
CA ALA A 635 6.62 -12.20 -13.81
C ALA A 635 7.38 -13.51 -13.88
N HIS A 636 8.72 -13.44 -13.93
CA HIS A 636 9.53 -14.65 -13.90
C HIS A 636 9.38 -15.41 -12.59
N GLU A 637 9.28 -14.69 -11.48
CA GLU A 637 9.19 -15.32 -10.17
C GLU A 637 7.82 -15.90 -9.88
N GLY A 638 6.79 -15.52 -10.64
CA GLY A 638 5.52 -16.19 -10.49
C GLY A 638 4.28 -15.32 -10.46
N ILE A 639 4.43 -14.01 -10.57
CA ILE A 639 3.27 -13.13 -10.62
C ILE A 639 2.63 -13.24 -12.00
N ASP A 640 1.33 -13.51 -12.03
CA ASP A 640 0.61 -13.74 -13.28
C ASP A 640 -0.34 -12.61 -13.64
N VAL A 641 -0.99 -11.98 -12.67
CA VAL A 641 -1.87 -10.85 -12.91
C VAL A 641 -1.28 -9.64 -12.22
N PHE A 642 -1.06 -8.57 -12.97
CA PHE A 642 -0.55 -7.31 -12.44
C PHE A 642 -1.70 -6.32 -12.42
N ARG A 643 -2.11 -5.90 -11.22
CA ARG A 643 -3.11 -4.85 -11.09
C ARG A 643 -2.38 -3.52 -11.03
N ILE A 644 -2.36 -2.80 -12.14
CA ILE A 644 -1.61 -1.57 -12.27
C ILE A 644 -2.57 -0.41 -12.05
N PHE A 645 -2.21 0.51 -11.17
CA PHE A 645 -3.00 1.70 -10.93
C PHE A 645 -2.08 2.88 -10.69
N ASP A 646 -2.60 4.08 -10.95
CA ASP A 646 -1.96 5.33 -10.57
C ASP A 646 -2.76 6.00 -9.48
N SER A 647 -2.06 6.65 -8.55
CA SER A 647 -2.72 7.26 -7.41
C SER A 647 -3.62 8.42 -7.82
N LEU A 648 -3.26 9.11 -8.90
CA LEU A 648 -4.04 10.23 -9.41
C LEU A 648 -4.81 9.89 -10.67
N ASN A 649 -4.95 8.61 -10.99
CA ASN A 649 -5.65 8.11 -12.18
C ASN A 649 -5.09 8.69 -13.47
N TRP A 650 -3.78 8.91 -13.52
CA TRP A 650 -3.12 9.46 -14.69
C TRP A 650 -2.64 8.31 -15.57
N LEU A 651 -3.16 8.26 -16.79
CA LEU A 651 -2.80 7.21 -17.74
C LEU A 651 -1.31 7.12 -18.08
N PRO A 652 -0.56 8.24 -18.32
CA PRO A 652 0.87 8.10 -18.63
C PRO A 652 1.71 7.42 -17.56
N GLN A 653 1.25 7.45 -16.31
CA GLN A 653 1.95 6.72 -15.25
C GLN A 653 1.71 5.22 -15.36
N MET A 654 0.66 4.82 -16.06
CA MET A 654 0.25 3.43 -16.17
C MET A 654 0.69 2.77 -17.47
N GLU A 655 0.96 3.57 -18.51
CA GLU A 655 1.15 3.04 -19.86
C GLU A 655 2.36 2.10 -19.95
N LYS A 656 3.49 2.52 -19.39
CA LYS A 656 4.71 1.73 -19.50
C LYS A 656 4.61 0.43 -18.72
N SER A 657 3.98 0.47 -17.55
CA SER A 657 3.77 -0.75 -16.77
C SER A 657 2.87 -1.72 -17.50
N ILE A 658 1.79 -1.21 -18.11
CA ILE A 658 0.89 -2.08 -18.87
C ILE A 658 1.62 -2.71 -20.05
N GLN A 659 2.43 -1.92 -20.76
CA GLN A 659 3.19 -2.45 -21.88
C GLN A 659 4.21 -3.50 -21.44
N ALA A 660 4.87 -3.29 -20.30
CA ALA A 660 5.84 -4.26 -19.82
C ALA A 660 5.17 -5.57 -19.41
N VAL A 661 3.98 -5.47 -18.78
CA VAL A 661 3.25 -6.68 -18.39
C VAL A 661 2.79 -7.44 -19.63
N ARG A 662 2.33 -6.72 -20.66
CA ARG A 662 1.97 -7.38 -21.90
C ARG A 662 3.17 -8.03 -22.57
N ASP A 663 4.33 -7.37 -22.54
CA ASP A 663 5.52 -7.93 -23.17
C ASP A 663 6.04 -9.15 -22.42
N ASN A 664 5.76 -9.23 -21.12
CA ASN A 664 6.18 -10.40 -20.35
C ASN A 664 5.19 -11.54 -20.43
N GLY A 665 4.10 -11.40 -21.19
CA GLY A 665 3.17 -12.49 -21.38
C GLY A 665 2.20 -12.71 -20.25
N LYS A 666 1.99 -11.72 -19.39
CA LYS A 666 1.09 -11.83 -18.26
C LYS A 666 -0.15 -10.96 -18.47
N ILE A 667 -1.03 -10.99 -17.49
CA ILE A 667 -2.30 -10.27 -17.58
C ILE A 667 -2.13 -8.89 -16.94
N ALA A 668 -2.41 -7.85 -17.72
CA ALA A 668 -2.33 -6.47 -17.26
C ALA A 668 -3.73 -5.99 -16.87
N GLU A 669 -3.89 -5.59 -15.62
CA GLU A 669 -5.15 -5.04 -15.13
C GLU A 669 -4.99 -3.54 -14.96
N ALA A 670 -5.49 -2.78 -15.95
CA ALA A 670 -5.56 -1.34 -15.81
C ALA A 670 -6.68 -0.99 -14.85
N THR A 671 -6.38 -0.15 -13.87
CA THR A 671 -7.28 0.08 -12.75
C THR A 671 -7.76 1.53 -12.77
N ILE A 672 -9.06 1.71 -12.61
CA ILE A 672 -9.66 3.01 -12.35
C ILE A 672 -9.87 3.13 -10.85
N CYS A 673 -9.20 4.08 -10.22
CA CYS A 673 -9.46 4.36 -8.82
C CYS A 673 -10.76 5.13 -8.69
N TYR A 674 -11.65 4.66 -7.84
CA TYR A 674 -12.95 5.29 -7.64
C TYR A 674 -12.93 6.17 -6.41
N THR A 675 -13.47 7.38 -6.54
CA THR A 675 -13.63 8.27 -5.41
C THR A 675 -14.86 9.14 -5.66
N GLY A 676 -15.35 9.74 -4.57
CA GLY A 676 -16.53 10.58 -4.68
C GLY A 676 -17.79 9.75 -4.83
N ASP A 677 -18.81 10.38 -5.41
CA ASP A 677 -20.10 9.75 -5.63
C ASP A 677 -20.61 10.18 -7.00
N ILE A 678 -20.80 9.21 -7.89
CA ILE A 678 -21.26 9.53 -9.24
C ILE A 678 -22.73 9.90 -9.24
N LEU A 679 -23.46 9.51 -8.19
CA LEU A 679 -24.88 9.82 -8.08
C LEU A 679 -25.14 11.09 -7.27
N ASP A 680 -24.10 11.81 -6.88
CA ASP A 680 -24.26 13.07 -6.19
C ASP A 680 -24.04 14.20 -7.18
N PRO A 681 -25.08 14.96 -7.55
CA PRO A 681 -24.87 16.06 -8.51
C PRO A 681 -24.09 17.23 -7.93
N SER A 682 -23.98 17.33 -6.61
CA SER A 682 -23.27 18.45 -6.01
C SER A 682 -21.76 18.29 -6.12
N ARG A 683 -21.30 17.08 -6.44
CA ARG A 683 -19.88 16.84 -6.62
C ARG A 683 -19.62 16.39 -8.05
N PRO A 684 -19.34 17.30 -8.98
CA PRO A 684 -19.18 16.93 -10.40
C PRO A 684 -17.75 16.66 -10.85
N LYS A 685 -16.77 16.66 -9.95
CA LYS A 685 -15.38 16.49 -10.37
C LYS A 685 -15.14 15.08 -10.90
N TYR A 686 -15.60 14.07 -10.18
CA TYR A 686 -15.51 12.69 -10.62
C TYR A 686 -16.91 12.17 -10.86
N ASN A 687 -17.44 12.47 -12.04
CA ASN A 687 -18.77 12.01 -12.40
C ASN A 687 -18.62 10.79 -13.31
N ILE A 688 -19.74 10.33 -13.86
CA ILE A 688 -19.74 9.08 -14.60
C ILE A 688 -19.03 9.25 -15.94
N GLN A 689 -19.09 10.45 -16.51
CA GLN A 689 -18.41 10.69 -17.79
C GLN A 689 -16.90 10.66 -17.63
N TYR A 690 -16.39 11.13 -16.49
CA TYR A 690 -14.95 11.06 -16.22
C TYR A 690 -14.49 9.61 -16.19
N TYR A 691 -15.25 8.76 -15.51
CA TYR A 691 -14.89 7.35 -15.41
C TYR A 691 -15.01 6.63 -16.75
N LYS A 692 -16.02 7.01 -17.55
CA LYS A 692 -16.17 6.41 -18.87
C LYS A 692 -15.02 6.80 -19.80
N ASP A 693 -14.61 8.06 -19.75
CA ASP A 693 -13.48 8.52 -20.57
C ASP A 693 -12.19 7.85 -20.14
N LEU A 694 -11.99 7.70 -18.83
CA LEU A 694 -10.81 7.00 -18.32
C LEU A 694 -10.81 5.54 -18.73
N ALA A 695 -11.99 4.90 -18.72
CA ALA A 695 -12.10 3.51 -19.13
C ALA A 695 -11.78 3.33 -20.60
N LYS A 696 -12.26 4.25 -21.44
CA LYS A 696 -11.96 4.20 -22.88
C LYS A 696 -10.47 4.37 -23.12
N GLU A 697 -9.84 5.32 -22.41
CA GLU A 697 -8.41 5.51 -22.56
C GLU A 697 -7.63 4.28 -22.11
N LEU A 698 -8.05 3.65 -21.01
CA LEU A 698 -7.37 2.45 -20.54
C LEU A 698 -7.58 1.28 -21.49
N GLU A 699 -8.73 1.21 -22.14
CA GLU A 699 -8.97 0.16 -23.13
C GLU A 699 -8.10 0.37 -24.36
N ALA A 700 -7.78 1.62 -24.69
CA ALA A 700 -6.91 1.89 -25.84
C ALA A 700 -5.49 1.37 -25.60
N THR A 701 -5.09 1.18 -24.34
CA THR A 701 -3.71 0.78 -24.06
C THR A 701 -3.49 -0.71 -24.27
N GLY A 702 -4.55 -1.47 -24.52
CA GLY A 702 -4.41 -2.90 -24.70
C GLY A 702 -4.35 -3.70 -23.43
N ALA A 703 -4.73 -3.12 -22.29
CA ALA A 703 -4.80 -3.86 -21.05
C ALA A 703 -5.88 -4.93 -21.14
N HIS A 704 -5.62 -6.06 -20.48
CA HIS A 704 -6.49 -7.22 -20.66
C HIS A 704 -7.80 -7.07 -19.91
N ILE A 705 -7.74 -6.60 -18.67
CA ILE A 705 -8.90 -6.51 -17.80
C ILE A 705 -8.95 -5.10 -17.22
N LEU A 706 -10.12 -4.49 -17.26
CA LEU A 706 -10.33 -3.22 -16.59
C LEU A 706 -10.65 -3.47 -15.13
N ALA A 707 -9.94 -2.81 -14.24
CA ALA A 707 -10.17 -2.96 -12.80
C ALA A 707 -10.75 -1.68 -12.24
N VAL A 708 -11.61 -1.81 -11.23
CA VAL A 708 -12.20 -0.66 -10.58
C VAL A 708 -11.91 -0.70 -9.09
N KCX A 709 -10.87 0.10 -8.53
CA KCX A 709 -10.40 0.08 -7.15
CB KCX A 709 -8.92 0.45 -7.08
CG KCX A 709 -8.21 0.04 -5.82
CD KCX A 709 -6.74 0.40 -5.91
CE KCX A 709 -6.02 0.16 -4.61
NZ KCX A 709 -5.94 -1.29 -4.28
C KCX A 709 -11.22 1.03 -6.29
O KCX A 709 -11.07 2.24 -6.38
CX KCX A 709 -6.52 -1.76 -3.20
OQ1 KCX A 709 -6.43 -2.97 -2.94
OQ2 KCX A 709 -7.14 -1.02 -2.43
N ASP A 710 -12.09 0.47 -5.47
CA ASP A 710 -12.82 1.23 -4.47
C ASP A 710 -12.09 1.08 -3.15
N MET A 711 -11.13 1.97 -2.93
CA MET A 711 -10.11 1.74 -1.92
C MET A 711 -10.61 2.10 -0.53
N ALA A 712 -11.58 2.99 -0.44
CA ALA A 712 -12.17 3.41 0.82
C ALA A 712 -13.57 2.86 1.01
N GLY A 713 -14.04 2.04 0.09
CA GLY A 713 -15.41 1.55 0.15
C GLY A 713 -16.46 2.62 -0.08
N LEU A 714 -16.20 3.54 -1.01
CA LEU A 714 -17.12 4.63 -1.28
C LEU A 714 -18.17 4.30 -2.33
N LEU A 715 -18.03 3.19 -3.04
CA LEU A 715 -18.95 2.84 -4.11
C LEU A 715 -20.23 2.30 -3.51
N LYS A 716 -21.28 3.12 -3.51
CA LYS A 716 -22.59 2.69 -3.06
C LYS A 716 -23.18 1.69 -4.04
N PRO A 717 -24.04 0.78 -3.56
CA PRO A 717 -24.59 -0.26 -4.46
C PRO A 717 -25.38 0.28 -5.64
N GLN A 718 -26.13 1.37 -5.45
CA GLN A 718 -26.80 1.98 -6.60
C GLN A 718 -25.79 2.55 -7.58
N ALA A 719 -24.76 3.21 -7.06
CA ALA A 719 -23.68 3.69 -7.92
C ALA A 719 -22.91 2.53 -8.53
N ALA A 720 -22.76 1.44 -7.78
CA ALA A 720 -22.05 0.26 -8.28
C ALA A 720 -22.77 -0.34 -9.48
N TYR A 721 -24.09 -0.41 -9.43
CA TYR A 721 -24.84 -0.86 -10.59
C TYR A 721 -24.70 0.11 -11.75
N ARG A 722 -24.79 1.40 -11.46
CA ARG A 722 -24.76 2.40 -12.52
C ARG A 722 -23.38 2.50 -13.16
N LEU A 723 -22.33 2.46 -12.35
CA LEU A 723 -20.98 2.60 -12.86
C LEU A 723 -20.59 1.41 -13.72
N ILE A 724 -20.82 0.20 -13.21
CA ILE A 724 -20.40 -1.01 -13.92
C ILE A 724 -21.17 -1.16 -15.23
N SER A 725 -22.49 -0.91 -15.20
CA SER A 725 -23.30 -1.04 -16.41
C SER A 725 -22.89 -0.01 -17.45
N GLU A 726 -22.52 1.19 -17.01
CA GLU A 726 -22.08 2.20 -17.97
C GLU A 726 -20.68 1.91 -18.50
N LEU A 727 -19.86 1.23 -17.69
CA LEU A 727 -18.54 0.83 -18.17
C LEU A 727 -18.63 -0.34 -19.15
N LYS A 728 -19.64 -1.20 -18.98
CA LYS A 728 -19.75 -2.36 -19.85
C LYS A 728 -20.15 -1.97 -21.27
N ASP A 729 -20.97 -0.93 -21.41
CA ASP A 729 -21.31 -0.49 -22.76
C ASP A 729 -20.28 0.50 -23.29
N THR A 730 -19.32 0.88 -22.46
CA THR A 730 -18.24 1.73 -22.94
C THR A 730 -17.09 0.90 -23.50
N VAL A 731 -16.63 -0.10 -22.75
CA VAL A 731 -15.47 -0.90 -23.11
C VAL A 731 -15.86 -2.37 -23.14
N ASP A 732 -15.09 -3.15 -23.88
CA ASP A 732 -15.32 -4.59 -23.99
C ASP A 732 -14.43 -5.40 -23.06
N LEU A 733 -13.63 -4.74 -22.23
CA LEU A 733 -12.81 -5.46 -21.27
C LEU A 733 -13.69 -6.07 -20.18
N PRO A 734 -13.30 -7.21 -19.62
CA PRO A 734 -13.93 -7.66 -18.39
C PRO A 734 -13.64 -6.70 -17.25
N ILE A 735 -14.59 -6.57 -16.34
CA ILE A 735 -14.48 -5.63 -15.23
C ILE A 735 -14.18 -6.40 -13.95
N HIS A 736 -13.14 -5.96 -13.25
CA HIS A 736 -12.73 -6.53 -11.97
C HIS A 736 -12.96 -5.48 -10.90
N LEU A 737 -13.92 -5.72 -10.02
CA LEU A 737 -14.28 -4.74 -9.00
C LEU A 737 -13.62 -5.09 -7.67
N HIS A 738 -12.95 -4.12 -7.07
CA HIS A 738 -12.32 -4.25 -5.77
C HIS A 738 -12.89 -3.20 -4.84
N THR A 739 -13.45 -3.63 -3.71
CA THR A 739 -14.00 -2.70 -2.74
C THR A 739 -13.67 -3.18 -1.33
N HIS A 740 -13.82 -2.26 -0.38
CA HIS A 740 -13.66 -2.55 1.02
C HIS A 740 -15.01 -2.44 1.72
N ASP A 741 -15.16 -3.19 2.80
CA ASP A 741 -16.42 -3.29 3.53
C ASP A 741 -16.51 -2.29 4.68
N THR A 742 -15.81 -1.16 4.59
CA THR A 742 -15.70 -0.23 5.71
C THR A 742 -17.07 0.34 6.08
N SER A 743 -17.87 0.71 5.08
CA SER A 743 -19.20 1.22 5.36
C SER A 743 -20.16 0.12 5.76
N GLY A 744 -19.78 -1.13 5.60
CA GLY A 744 -20.69 -2.23 5.80
C GLY A 744 -21.53 -2.57 4.60
N ASN A 745 -21.36 -1.86 3.50
CA ASN A 745 -22.16 -2.07 2.29
C ASN A 745 -21.37 -2.80 1.21
N GLY A 746 -20.30 -3.51 1.59
CA GLY A 746 -19.47 -4.16 0.59
C GLY A 746 -20.17 -5.29 -0.13
N ILE A 747 -20.93 -6.11 0.61
CA ILE A 747 -21.63 -7.25 0.01
C ILE A 747 -22.71 -6.77 -0.95
N ILE A 748 -23.48 -5.77 -0.54
CA ILE A 748 -24.57 -5.28 -1.38
C ILE A 748 -24.03 -4.46 -2.55
N THR A 749 -22.81 -3.92 -2.41
CA THR A 749 -22.16 -3.28 -3.56
C THR A 749 -21.78 -4.32 -4.60
N TYR A 750 -21.20 -5.43 -4.15
CA TYR A 750 -20.83 -6.51 -5.07
C TYR A 750 -22.07 -7.12 -5.70
N SER A 751 -23.18 -7.18 -4.96
CA SER A 751 -24.43 -7.66 -5.53
C SER A 751 -24.93 -6.73 -6.62
N GLY A 752 -24.80 -5.42 -6.42
CA GLY A 752 -25.21 -4.48 -7.46
C GLY A 752 -24.35 -4.58 -8.70
N ALA A 753 -23.05 -4.82 -8.52
CA ALA A 753 -22.16 -4.96 -9.67
C ALA A 753 -22.38 -6.28 -10.39
N THR A 754 -22.71 -7.34 -9.65
CA THR A 754 -23.00 -8.62 -10.27
C THR A 754 -24.26 -8.54 -11.12
N GLN A 755 -25.28 -7.84 -10.63
CA GLN A 755 -26.47 -7.60 -11.44
C GLN A 755 -26.15 -6.72 -12.64
N ALA A 756 -25.14 -5.86 -12.52
CA ALA A 756 -24.69 -5.06 -13.65
C ALA A 756 -23.76 -5.82 -14.58
N GLY A 757 -23.36 -7.04 -14.22
CA GLY A 757 -22.53 -7.85 -15.08
C GLY A 757 -21.05 -7.72 -14.86
N VAL A 758 -20.61 -7.48 -13.63
CA VAL A 758 -19.17 -7.45 -13.34
C VAL A 758 -18.62 -8.86 -13.49
N ASP A 759 -17.35 -8.95 -13.85
CA ASP A 759 -16.78 -10.27 -14.15
C ASP A 759 -16.13 -10.88 -12.91
N ILE A 760 -15.22 -10.15 -12.27
CA ILE A 760 -14.48 -10.65 -11.11
C ILE A 760 -14.66 -9.65 -9.97
N ILE A 761 -14.75 -10.17 -8.75
CA ILE A 761 -14.80 -9.34 -7.56
C ILE A 761 -13.77 -9.85 -6.56
N ASP A 762 -13.35 -8.96 -5.65
CA ASP A 762 -12.29 -9.26 -4.69
C ASP A 762 -12.90 -9.58 -3.34
N VAL A 763 -12.64 -10.78 -2.84
CA VAL A 763 -13.20 -11.23 -1.58
C VAL A 763 -12.08 -11.74 -0.68
N ALA A 764 -12.38 -11.81 0.61
CA ALA A 764 -11.45 -12.35 1.60
C ALA A 764 -12.15 -13.44 2.38
N THR A 765 -11.34 -14.29 3.03
CA THR A 765 -11.92 -15.30 3.90
C THR A 765 -12.57 -14.63 5.11
N ALA A 766 -13.60 -15.29 5.65
CA ALA A 766 -14.53 -14.65 6.57
C ALA A 766 -13.83 -14.19 7.86
N SER A 767 -12.87 -14.99 8.34
CA SER A 767 -12.19 -14.64 9.58
C SER A 767 -11.24 -13.46 9.38
N LEU A 768 -10.95 -13.10 8.13
CA LEU A 768 -10.14 -11.92 7.83
C LEU A 768 -10.90 -10.93 6.95
N ALA A 769 -12.22 -10.93 7.00
CA ALA A 769 -13.03 -10.05 6.18
C ALA A 769 -13.87 -9.13 7.05
N GLY A 770 -14.54 -8.19 6.39
CA GLY A 770 -15.31 -7.17 7.06
C GLY A 770 -14.43 -6.06 7.60
N GLY A 771 -15.09 -5.01 8.07
CA GLY A 771 -14.36 -3.84 8.53
C GLY A 771 -13.64 -3.21 7.35
N THR A 772 -12.39 -2.80 7.57
CA THR A 772 -11.63 -2.18 6.49
C THR A 772 -11.19 -3.18 5.44
N SER A 773 -11.40 -4.47 5.65
CA SER A 773 -10.99 -5.49 4.70
C SER A 773 -12.08 -5.71 3.64
N GLN A 774 -11.89 -6.75 2.83
CA GLN A 774 -12.81 -7.07 1.74
C GLN A 774 -14.10 -7.68 2.29
N PRO A 775 -15.16 -7.70 1.47
CA PRO A 775 -16.32 -8.52 1.81
C PRO A 775 -15.97 -10.01 1.83
N SER A 776 -16.73 -10.75 2.64
CA SER A 776 -16.39 -12.15 2.89
C SER A 776 -16.69 -13.03 1.68
N MET A 777 -15.78 -13.96 1.41
CA MET A 777 -15.95 -14.89 0.31
C MET A 777 -17.11 -15.85 0.56
N GLN A 778 -17.25 -16.32 1.81
CA GLN A 778 -18.35 -17.22 2.13
C GLN A 778 -19.68 -16.49 2.14
N SER A 779 -19.66 -15.19 2.49
CA SER A 779 -20.91 -14.43 2.51
C SER A 779 -21.40 -14.12 1.11
N ILE A 780 -20.48 -13.86 0.17
CA ILE A 780 -20.90 -13.48 -1.18
C ILE A 780 -21.47 -14.68 -1.93
N TYR A 781 -21.12 -15.90 -1.49
CA TYR A 781 -21.70 -17.08 -2.11
C TYR A 781 -23.18 -17.18 -1.77
N TYR A 782 -23.52 -17.00 -0.49
CA TYR A 782 -24.91 -17.13 -0.08
C TYR A 782 -25.73 -15.92 -0.48
N ALA A 783 -25.07 -14.78 -0.72
CA ALA A 783 -25.77 -13.60 -1.21
C ALA A 783 -26.25 -13.80 -2.64
N LEU A 784 -25.53 -14.59 -3.42
CA LEU A 784 -25.85 -14.82 -4.82
C LEU A 784 -26.30 -16.25 -5.11
N GLU A 785 -26.78 -16.97 -4.10
CA GLU A 785 -26.90 -18.42 -4.21
C GLU A 785 -28.03 -18.84 -5.13
N HIS A 786 -29.13 -18.10 -5.13
CA HIS A 786 -30.28 -18.45 -5.97
C HIS A 786 -30.66 -17.31 -6.91
N GLY A 787 -29.72 -16.43 -7.24
CA GLY A 787 -29.95 -15.40 -8.20
C GLY A 787 -29.59 -15.85 -9.59
N PRO A 788 -29.67 -14.95 -10.57
CA PRO A 788 -29.26 -15.31 -11.94
C PRO A 788 -27.78 -15.65 -12.06
N ARG A 789 -26.92 -15.04 -11.26
CA ARG A 789 -25.50 -15.30 -11.30
C ARG A 789 -25.03 -15.79 -9.94
N HIS A 790 -24.32 -16.91 -9.93
CA HIS A 790 -23.76 -17.46 -8.70
C HIS A 790 -22.30 -17.04 -8.59
N ALA A 791 -21.77 -17.18 -7.38
CA ALA A 791 -20.33 -17.04 -7.18
C ALA A 791 -19.65 -18.36 -7.46
N SER A 792 -18.54 -18.30 -8.20
CA SER A 792 -17.78 -19.49 -8.58
C SER A 792 -16.82 -19.81 -7.45
N ILE A 793 -17.25 -20.64 -6.50
CA ILE A 793 -16.41 -21.04 -5.38
C ILE A 793 -16.95 -22.34 -4.81
N ASN A 794 -16.06 -23.13 -4.22
CA ASN A 794 -16.45 -24.27 -3.38
C ASN A 794 -16.64 -23.70 -1.98
N VAL A 795 -17.89 -23.49 -1.58
CA VAL A 795 -18.16 -22.79 -0.33
C VAL A 795 -17.86 -23.69 0.86
N LYS A 796 -17.99 -25.01 0.70
CA LYS A 796 -17.71 -25.91 1.81
C LYS A 796 -16.21 -26.00 2.06
N ASN A 797 -15.42 -25.98 0.98
CA ASN A 797 -13.97 -25.93 1.14
C ASN A 797 -13.52 -24.59 1.70
N ALA A 798 -14.19 -23.51 1.29
CA ALA A 798 -13.83 -22.18 1.77
C ALA A 798 -14.13 -22.05 3.26
N GLU A 799 -15.22 -22.66 3.72
CA GLU A 799 -15.53 -22.64 5.15
C GLU A 799 -14.51 -23.44 5.95
N GLN A 800 -14.03 -24.55 5.39
CA GLN A 800 -13.02 -25.35 6.08
C GLN A 800 -11.68 -24.63 6.12
N ILE A 801 -11.34 -23.93 5.04
CA ILE A 801 -10.09 -23.16 5.00
C ILE A 801 -10.17 -22.00 5.98
N ASP A 802 -11.36 -21.42 6.15
CA ASP A 802 -11.54 -20.30 7.08
C ASP A 802 -11.29 -20.71 8.52
N HIS A 803 -11.42 -22.00 8.85
CA HIS A 803 -11.12 -22.46 10.20
C HIS A 803 -9.65 -22.29 10.52
N TYR A 804 -8.77 -22.50 9.53
CA TYR A 804 -7.35 -22.24 9.75
C TYR A 804 -7.11 -20.76 9.97
N TRP A 805 -7.73 -19.90 9.17
CA TRP A 805 -7.45 -18.48 9.23
C TRP A 805 -7.96 -17.87 10.53
N GLU A 806 -9.03 -18.44 11.08
CA GLU A 806 -9.52 -17.97 12.38
C GLU A 806 -8.53 -18.30 13.48
N ASP A 807 -7.90 -19.46 13.40
CA ASP A 807 -6.94 -19.87 14.44
C ASP A 807 -5.66 -19.05 14.38
N VAL A 808 -5.14 -18.81 13.17
CA VAL A 808 -3.86 -18.12 13.07
C VAL A 808 -4.03 -16.61 13.25
N ARG A 809 -5.26 -16.11 13.16
CA ARG A 809 -5.50 -14.69 13.47
C ARG A 809 -5.21 -14.39 14.94
N LYS A 810 -5.40 -15.39 15.82
CA LYS A 810 -5.14 -15.20 17.24
C LYS A 810 -3.67 -14.98 17.52
N TYR A 811 -2.80 -15.41 16.60
CA TYR A 811 -1.37 -15.11 16.74
C TYR A 811 -1.10 -13.63 16.62
N TYR A 812 -1.85 -12.93 15.79
CA TYR A 812 -1.61 -11.52 15.46
C TYR A 812 -2.44 -10.58 16.33
N ALA A 813 -2.75 -10.99 17.56
CA ALA A 813 -3.41 -10.11 18.50
C ALA A 813 -2.69 -8.79 18.78
N PRO A 814 -1.35 -8.71 18.89
CA PRO A 814 -0.74 -7.38 19.08
C PRO A 814 -0.97 -6.41 17.93
N PHE A 815 -1.25 -6.88 16.73
CA PHE A 815 -1.47 -6.01 15.58
C PHE A 815 -2.94 -5.83 15.25
N GLU A 816 -3.84 -6.21 16.15
CA GLU A 816 -5.26 -6.09 15.89
C GLU A 816 -5.69 -4.63 15.93
N ALA A 817 -6.44 -4.20 14.93
CA ALA A 817 -6.86 -2.81 14.85
C ALA A 817 -7.92 -2.50 15.90
N GLY A 818 -8.75 -3.47 16.24
CA GLY A 818 -9.86 -3.21 17.14
C GLY A 818 -11.03 -2.53 16.49
N ILE A 819 -11.10 -2.50 15.16
CA ILE A 819 -12.21 -1.88 14.46
C ILE A 819 -13.41 -2.82 14.47
N THR A 820 -14.33 -2.58 15.39
CA THR A 820 -15.42 -3.51 15.63
C THR A 820 -16.72 -3.16 14.91
N SER A 821 -16.80 -2.01 14.26
CA SER A 821 -18.06 -1.56 13.71
C SER A 821 -17.86 -0.95 12.33
N PRO A 822 -18.87 -1.05 11.46
CA PRO A 822 -18.80 -0.35 10.17
C PRO A 822 -18.99 1.14 10.37
N GLN A 823 -18.29 1.94 9.57
CA GLN A 823 -18.38 3.40 9.65
C GLN A 823 -18.93 3.93 8.34
N THR A 824 -20.08 4.60 8.41
CA THR A 824 -20.53 5.42 7.30
C THR A 824 -19.85 6.77 7.27
N GLU A 825 -19.02 7.07 8.28
CA GLU A 825 -18.20 8.28 8.25
C GLU A 825 -17.14 8.22 7.17
N VAL A 826 -16.84 7.02 6.66
CA VAL A 826 -15.89 6.87 5.57
C VAL A 826 -16.39 7.54 4.29
N TYR A 827 -17.69 7.74 4.18
CA TYR A 827 -18.23 8.50 3.05
C TYR A 827 -17.82 9.96 3.13
N MET A 828 -17.47 10.43 4.32
CA MET A 828 -17.00 11.80 4.48
C MET A 828 -15.49 11.89 4.30
N HIS A 829 -14.72 11.14 5.09
CA HIS A 829 -13.28 11.35 5.09
C HIS A 829 -12.57 10.59 3.97
N GLU A 830 -13.19 9.52 3.47
CA GLU A 830 -12.67 8.73 2.34
C GLU A 830 -11.28 8.19 2.59
N MET A 831 -11.01 7.80 3.82
CA MET A 831 -9.74 7.16 4.15
C MET A 831 -9.75 5.74 3.62
N PRO A 832 -8.74 5.34 2.85
CA PRO A 832 -8.70 3.96 2.33
C PRO A 832 -8.57 2.95 3.46
N GLY A 833 -9.11 1.76 3.22
CA GLY A 833 -9.12 0.73 4.24
C GLY A 833 -7.73 0.28 4.62
N GLY A 834 -6.81 0.25 3.66
CA GLY A 834 -5.44 -0.12 3.97
C GLY A 834 -4.70 0.93 4.76
N GLN A 835 -5.17 2.18 4.69
CA GLN A 835 -4.53 3.30 5.38
C GLN A 835 -5.17 3.60 6.73
N TYR A 836 -6.21 2.86 7.12
CA TYR A 836 -6.97 3.21 8.31
C TYR A 836 -6.18 2.93 9.58
N THR A 837 -5.53 1.77 9.65
CA THR A 837 -4.78 1.41 10.84
C THR A 837 -3.48 2.20 10.93
N ASN A 838 -2.79 2.35 9.80
CA ASN A 838 -1.45 2.93 9.81
C ASN A 838 -1.49 4.41 10.13
N LEU A 839 -2.51 5.12 9.63
CA LEU A 839 -2.64 6.53 9.95
C LEU A 839 -2.95 6.73 11.43
N LYS A 840 -3.73 5.81 12.01
CA LYS A 840 -3.98 5.87 13.45
C LYS A 840 -2.73 5.52 14.23
N SER A 841 -1.95 4.54 13.76
CA SER A 841 -0.71 4.19 14.45
C SER A 841 0.33 5.28 14.29
N GLN A 842 0.31 5.98 13.14
CA GLN A 842 1.24 7.08 12.92
C GLN A 842 0.95 8.23 13.86
N ALA A 843 -0.32 8.45 14.20
CA ALA A 843 -0.68 9.46 15.17
C ALA A 843 -0.26 9.05 16.58
N ALA A 844 -0.25 7.75 16.85
CA ALA A 844 0.20 7.26 18.15
C ALA A 844 1.71 7.50 18.32
N ALA A 845 2.49 7.25 17.28
CA ALA A 845 3.93 7.48 17.36
C ALA A 845 4.24 8.96 17.53
N VAL A 846 3.50 9.82 16.82
CA VAL A 846 3.68 11.26 16.98
C VAL A 846 3.03 11.81 18.23
N GLY A 847 2.19 11.02 18.91
CA GLY A 847 1.60 11.45 20.16
C GLY A 847 0.18 11.95 20.08
N LEU A 848 -0.48 11.82 18.93
CA LEU A 848 -1.87 12.22 18.77
C LEU A 848 -2.78 11.04 18.46
N GLY A 849 -2.42 9.84 18.92
CA GLY A 849 -3.22 8.66 18.62
C GLY A 849 -4.59 8.72 19.24
N HIS A 850 -4.71 9.37 20.40
CA HIS A 850 -6.02 9.56 21.01
C HIS A 850 -6.85 10.58 20.25
N ARG A 851 -6.22 11.37 19.38
CA ARG A 851 -6.92 12.37 18.57
C ARG A 851 -7.22 11.89 17.16
N PHE A 852 -7.55 10.61 17.00
CA PHE A 852 -7.76 10.06 15.65
C PHE A 852 -8.96 10.72 14.97
N ASP A 853 -10.04 10.96 15.71
CA ASP A 853 -11.19 11.62 15.12
C ASP A 853 -10.87 13.07 14.75
N GLU A 854 -9.89 13.67 15.43
CA GLU A 854 -9.44 15.01 15.06
C GLU A 854 -8.70 14.98 13.73
N ILE A 855 -7.80 14.00 13.55
CA ILE A 855 -7.07 13.94 12.29
C ILE A 855 -7.94 13.38 11.17
N LYS A 856 -9.03 12.67 11.52
CA LYS A 856 -9.98 12.26 10.50
C LYS A 856 -10.74 13.45 9.94
N GLN A 857 -11.04 14.43 10.79
CA GLN A 857 -11.66 15.66 10.31
C GLN A 857 -10.67 16.51 9.54
N MET A 858 -9.40 16.52 9.97
CA MET A 858 -8.37 17.25 9.24
C MET A 858 -8.08 16.60 7.90
N TYR A 859 -8.24 15.27 7.84
CA TYR A 859 -8.09 14.55 6.57
C TYR A 859 -9.11 15.02 5.54
N ARG A 860 -10.33 15.32 6.00
CA ARG A 860 -11.34 15.90 5.12
C ARG A 860 -10.92 17.27 4.61
N LYS A 861 -10.36 18.09 5.50
CA LYS A 861 -10.01 19.46 5.12
C LYS A 861 -8.83 19.49 4.16
N VAL A 862 -7.81 18.66 4.43
CA VAL A 862 -6.60 18.66 3.63
C VAL A 862 -6.90 18.22 2.20
N ASN A 863 -7.78 17.22 2.06
CA ASN A 863 -8.22 16.77 0.73
C ASN A 863 -8.91 17.90 -0.02
N MET A 864 -9.72 18.69 0.69
CA MET A 864 -10.35 19.85 0.07
C MET A 864 -9.32 20.92 -0.30
N MET A 865 -8.32 21.13 0.55
CA MET A 865 -7.27 22.09 0.23
C MET A 865 -6.44 21.63 -0.94
N PHE A 866 -6.23 20.32 -1.07
CA PHE A 866 -5.42 19.81 -2.17
C PHE A 866 -6.18 19.77 -3.49
N GLY A 867 -7.49 19.98 -3.45
CA GLY A 867 -8.27 20.05 -4.67
C GLY A 867 -9.16 18.86 -4.90
N ASP A 868 -9.59 18.21 -3.81
CA ASP A 868 -10.45 17.00 -3.86
C ASP A 868 -9.79 15.90 -4.69
N ILE A 869 -8.66 15.41 -4.21
CA ILE A 869 -7.84 14.48 -4.97
C ILE A 869 -8.31 13.05 -4.75
N ILE A 870 -7.83 12.15 -5.60
CA ILE A 870 -8.00 10.72 -5.37
C ILE A 870 -6.99 10.28 -4.31
N LYS A 871 -7.50 9.69 -3.24
CA LYS A 871 -6.68 9.33 -2.08
C LYS A 871 -6.45 7.83 -2.07
N VAL A 872 -5.26 7.43 -2.52
CA VAL A 872 -4.83 6.05 -2.53
C VAL A 872 -3.31 6.09 -2.59
N THR A 873 -2.65 5.03 -2.12
CA THR A 873 -1.21 4.99 -2.01
C THR A 873 -0.55 5.24 -3.37
N PRO A 874 0.40 6.17 -3.46
CA PRO A 874 0.96 6.99 -2.38
C PRO A 874 0.28 8.33 -2.14
N SER A 875 -0.82 8.67 -2.81
CA SER A 875 -1.43 9.99 -2.61
C SER A 875 -2.17 10.08 -1.29
N SER A 876 -2.68 8.97 -0.77
CA SER A 876 -3.35 9.01 0.53
C SER A 876 -2.34 9.22 1.66
N LYS A 877 -1.11 8.74 1.47
CA LYS A 877 -0.06 8.98 2.43
C LYS A 877 0.28 10.47 2.51
N VAL A 878 0.20 11.17 1.38
CA VAL A 878 0.46 12.61 1.35
C VAL A 878 -0.61 13.35 2.14
N VAL A 879 -1.88 12.98 1.96
CA VAL A 879 -2.96 13.60 2.71
C VAL A 879 -2.87 13.24 4.19
N GLY A 880 -2.49 12.00 4.48
CA GLY A 880 -2.34 11.59 5.88
C GLY A 880 -1.18 12.30 6.57
N ASP A 881 -0.08 12.49 5.85
CA ASP A 881 1.06 13.18 6.44
C ASP A 881 0.76 14.66 6.66
N MET A 882 0.06 15.28 5.72
CA MET A 882 -0.30 16.68 5.87
C MET A 882 -1.29 16.89 7.01
N ALA A 883 -2.28 15.99 7.13
CA ALA A 883 -3.27 16.12 8.20
C ALA A 883 -2.63 15.93 9.56
N LEU A 884 -1.68 14.98 9.67
CA LEU A 884 -0.96 14.79 10.92
C LEU A 884 -0.08 15.99 11.24
N PHE A 885 0.55 16.57 10.22
CA PHE A 885 1.42 17.73 10.43
C PHE A 885 0.61 18.95 10.85
N MET A 886 -0.61 19.08 10.32
CA MET A 886 -1.44 20.23 10.64
C MET A 886 -1.95 20.17 12.08
N ILE A 887 -2.37 18.99 12.53
CA ILE A 887 -2.87 18.84 13.89
C ILE A 887 -1.73 18.96 14.89
N GLN A 888 -0.56 18.41 14.56
CA GLN A 888 0.59 18.48 15.46
C GLN A 888 1.04 19.91 15.69
N ASN A 889 0.96 20.75 14.66
CA ASN A 889 1.33 22.15 14.77
C ASN A 889 0.16 23.08 14.97
N ASP A 890 -1.05 22.53 15.15
CA ASP A 890 -2.29 23.31 15.32
C ASP A 890 -2.51 24.29 14.17
N LEU A 891 -2.50 23.77 12.95
CA LEU A 891 -2.69 24.61 11.78
C LEU A 891 -4.12 24.50 11.26
N THR A 892 -4.51 25.47 10.45
CA THR A 892 -5.80 25.48 9.80
C THR A 892 -5.65 26.08 8.41
N GLU A 893 -6.76 26.13 7.67
CA GLU A 893 -6.69 26.31 6.22
C GLU A 893 -6.19 27.69 5.81
N GLU A 894 -6.72 28.75 6.42
CA GLU A 894 -6.19 30.07 6.11
C GLU A 894 -4.91 30.36 6.88
N ASP A 895 -4.55 29.49 7.82
CA ASP A 895 -3.29 29.67 8.53
C ASP A 895 -2.09 29.23 7.68
N VAL A 896 -2.22 28.11 6.95
CA VAL A 896 -1.14 27.71 6.04
C VAL A 896 -1.05 28.67 4.86
N TYR A 897 -2.17 29.29 4.49
CA TYR A 897 -2.14 30.26 3.41
C TYR A 897 -1.44 31.54 3.84
N ALA A 898 -1.38 31.78 5.16
CA ALA A 898 -0.74 33.00 5.65
C ALA A 898 0.65 32.73 6.22
N ARG A 899 0.81 31.60 6.91
CA ARG A 899 2.05 31.29 7.62
C ARG A 899 2.82 30.14 6.98
N GLY A 900 2.46 29.75 5.76
CA GLY A 900 3.07 28.55 5.18
C GLY A 900 4.50 28.77 4.71
N ASN A 901 4.86 30.03 4.48
CA ASN A 901 6.23 30.33 4.03
C ASN A 901 7.24 30.02 5.14
N GLU A 902 6.87 30.29 6.39
CA GLU A 902 7.78 29.99 7.49
C GLU A 902 7.73 28.52 7.87
N LEU A 903 6.65 27.83 7.50
CA LEU A 903 6.47 26.45 7.91
C LEU A 903 7.25 25.50 7.00
N ASN A 904 7.69 24.39 7.59
CA ASN A 904 8.42 23.36 6.87
C ASN A 904 7.50 22.16 6.67
N PHE A 905 6.93 22.06 5.47
CA PHE A 905 5.98 21.01 5.15
C PHE A 905 6.69 19.65 5.07
N PRO A 906 5.95 18.56 5.24
CA PRO A 906 6.57 17.23 5.14
C PRO A 906 7.05 16.94 3.72
N GLU A 907 8.01 16.02 3.64
CA GLU A 907 8.66 15.72 2.36
C GLU A 907 7.69 15.12 1.36
N SER A 908 6.76 14.29 1.84
CA SER A 908 5.78 13.68 0.94
C SER A 908 4.85 14.73 0.36
N VAL A 909 4.48 15.74 1.16
CA VAL A 909 3.63 16.82 0.67
C VAL A 909 4.40 17.68 -0.32
N VAL A 910 5.67 17.95 -0.03
CA VAL A 910 6.49 18.77 -0.92
C VAL A 910 6.71 18.07 -2.26
N SER A 911 7.04 16.77 -2.22
CA SER A 911 7.28 16.04 -3.45
C SER A 911 6.01 15.87 -4.27
N PHE A 912 4.86 15.75 -3.60
CA PHE A 912 3.59 15.63 -4.31
C PHE A 912 3.27 16.92 -5.06
N PHE A 913 3.53 18.06 -4.44
CA PHE A 913 3.23 19.33 -5.10
C PHE A 913 4.31 19.68 -6.11
N ARG A 914 5.46 19.02 -6.04
CA ARG A 914 6.48 19.16 -7.07
C ARG A 914 6.15 18.36 -8.31
N GLY A 915 5.22 17.43 -8.23
CA GLY A 915 4.84 16.59 -9.34
C GLY A 915 5.43 15.19 -9.34
N ASP A 916 5.98 14.73 -8.21
CA ASP A 916 6.55 13.38 -8.16
C ASP A 916 5.50 12.30 -8.31
N LEU A 917 4.28 12.55 -7.85
CA LEU A 917 3.19 11.58 -7.96
C LEU A 917 2.36 11.76 -9.22
N GLY A 918 2.74 12.69 -10.09
CA GLY A 918 1.98 12.96 -11.29
C GLY A 918 1.10 14.19 -11.13
N GLN A 919 0.36 14.46 -12.20
CA GLN A 919 -0.52 15.62 -12.24
C GLN A 919 -1.93 15.22 -11.86
N PRO A 920 -2.55 15.86 -10.88
CA PRO A 920 -3.90 15.49 -10.49
C PRO A 920 -4.93 16.03 -11.49
N VAL A 921 -6.16 15.57 -11.32
CA VAL A 921 -7.25 16.04 -12.16
C VAL A 921 -7.54 17.49 -11.83
N GLY A 922 -7.50 18.34 -12.84
CA GLY A 922 -7.70 19.76 -12.63
C GLY A 922 -6.49 20.51 -12.14
N GLY A 923 -5.34 19.83 -12.02
CA GLY A 923 -4.13 20.48 -11.60
C GLY A 923 -4.09 20.75 -10.11
N PHE A 924 -2.96 21.26 -9.66
CA PHE A 924 -2.81 21.69 -8.29
C PHE A 924 -3.46 23.04 -8.07
N PRO A 925 -3.90 23.34 -6.84
CA PRO A 925 -4.23 24.72 -6.50
C PRO A 925 -2.98 25.58 -6.53
N GLU A 926 -3.02 26.67 -7.30
CA GLU A 926 -1.81 27.44 -7.59
C GLU A 926 -1.26 28.12 -6.34
N LYS A 927 -2.13 28.73 -5.54
CA LYS A 927 -1.69 29.46 -4.35
C LYS A 927 -1.08 28.53 -3.32
N LEU A 928 -1.72 27.38 -3.09
CA LEU A 928 -1.21 26.45 -2.09
C LEU A 928 0.07 25.78 -2.55
N GLN A 929 0.19 25.53 -3.86
CA GLN A 929 1.40 24.91 -4.39
C GLN A 929 2.61 25.80 -4.21
N LYS A 930 2.46 27.10 -4.49
CA LYS A 930 3.59 28.02 -4.37
C LYS A 930 4.02 28.18 -2.92
N ILE A 931 3.09 28.06 -1.98
CA ILE A 931 3.43 28.14 -0.56
C ILE A 931 4.21 26.89 -0.15
N ILE A 932 3.77 25.72 -0.60
CA ILE A 932 4.30 24.46 -0.09
C ILE A 932 5.72 24.21 -0.61
N VAL A 933 5.93 24.42 -1.91
CA VAL A 933 7.28 24.32 -2.47
C VAL A 933 7.80 25.75 -2.65
N LYS A 934 8.85 26.07 -1.91
CA LYS A 934 9.31 27.44 -1.87
C LYS A 934 10.14 27.77 -3.10
N ASP A 935 11.28 27.11 -3.26
CA ASP A 935 12.15 27.35 -4.39
C ASP A 935 12.47 26.10 -5.18
N LYS A 936 11.89 24.96 -4.83
CA LYS A 936 12.19 23.72 -5.51
C LYS A 936 11.55 23.70 -6.90
N ALA A 937 12.15 22.93 -7.80
CA ALA A 937 11.67 22.84 -9.17
C ALA A 937 10.36 22.07 -9.22
N VAL A 938 9.45 22.54 -10.07
CA VAL A 938 8.13 21.96 -10.23
C VAL A 938 7.99 21.50 -11.68
N ILE A 939 7.66 20.23 -11.86
CA ILE A 939 7.47 19.66 -13.18
C ILE A 939 5.98 19.50 -13.46
N THR A 940 5.60 19.58 -14.73
CA THR A 940 4.21 19.46 -15.14
C THR A 940 3.96 18.23 -15.98
N ASP A 941 4.97 17.40 -16.19
CA ASP A 941 4.90 16.25 -17.06
C ASP A 941 5.15 14.99 -16.24
N ARG A 942 5.34 13.89 -16.93
CA ARG A 942 5.57 12.60 -16.28
C ARG A 942 6.88 12.65 -15.50
N PRO A 943 6.88 12.29 -14.22
CA PRO A 943 8.14 12.26 -13.46
C PRO A 943 9.11 11.19 -13.93
N GLY A 944 8.62 10.19 -14.66
CA GLY A 944 9.52 9.18 -15.19
C GLY A 944 10.40 9.72 -16.29
N LEU A 945 9.95 10.77 -16.98
CA LEU A 945 10.78 11.40 -18.00
C LEU A 945 11.95 12.14 -17.37
N HIS A 946 11.79 12.58 -16.12
CA HIS A 946 12.82 13.35 -15.44
C HIS A 946 13.61 12.52 -14.45
N ALA A 947 13.51 11.19 -14.55
CA ALA A 947 14.26 10.28 -13.69
C ALA A 947 15.41 9.68 -14.49
N GLU A 948 16.60 9.72 -13.90
CA GLU A 948 17.77 9.17 -14.56
C GLU A 948 17.68 7.66 -14.66
N LYS A 949 18.09 7.12 -15.80
CA LYS A 949 18.00 5.69 -16.04
C LYS A 949 19.06 4.98 -15.20
N VAL A 950 18.61 4.04 -14.37
CA VAL A 950 19.51 3.32 -13.48
C VAL A 950 20.19 2.20 -14.25
N ASP A 951 21.52 2.14 -14.14
CA ASP A 951 22.28 1.05 -14.74
C ASP A 951 22.35 -0.10 -13.74
N PHE A 952 21.81 -1.25 -14.14
CA PHE A 952 21.74 -2.38 -13.22
C PHE A 952 23.09 -3.05 -13.04
N GLU A 953 24.05 -2.81 -13.93
CA GLU A 953 25.38 -3.38 -13.74
C GLU A 953 26.13 -2.66 -12.62
N THR A 954 26.04 -1.34 -12.58
CA THR A 954 26.73 -0.59 -11.53
C THR A 954 26.06 -0.79 -10.18
N VAL A 955 24.74 -0.96 -10.18
CA VAL A 955 24.03 -1.20 -8.92
C VAL A 955 24.38 -2.58 -8.38
N LYS A 956 24.50 -3.56 -9.26
CA LYS A 956 24.86 -4.92 -8.84
C LYS A 956 26.25 -4.96 -8.25
N ALA A 957 27.15 -4.13 -8.78
CA ALA A 957 28.53 -4.11 -8.27
C ALA A 957 28.60 -3.54 -6.86
N ASP A 958 27.86 -2.47 -6.59
CA ASP A 958 27.94 -1.86 -5.27
C ASP A 958 27.15 -2.66 -4.25
N LEU A 959 26.08 -3.33 -4.68
CA LEU A 959 25.31 -4.17 -3.77
C LEU A 959 26.11 -5.38 -3.32
N GLU A 960 26.88 -5.98 -4.25
CA GLU A 960 27.72 -7.11 -3.90
C GLU A 960 28.77 -6.72 -2.87
N GLN A 961 29.33 -5.51 -3.00
CA GLN A 961 30.28 -5.01 -2.02
C GLN A 961 29.62 -4.82 -0.65
N LYS A 962 28.36 -4.38 -0.65
CA LYS A 962 27.70 -4.09 0.61
C LYS A 962 27.23 -5.36 1.33
N ILE A 963 26.75 -6.34 0.58
CA ILE A 963 26.16 -7.53 1.19
C ILE A 963 27.08 -8.74 1.17
N GLY A 964 28.21 -8.68 0.47
CA GLY A 964 29.20 -9.73 0.56
C GLY A 964 28.98 -10.92 -0.34
N TYR A 965 27.94 -10.92 -1.17
CA TYR A 965 27.77 -11.98 -2.14
C TYR A 965 27.11 -11.38 -3.38
N GLU A 966 27.19 -12.12 -4.48
CA GLU A 966 26.62 -11.64 -5.73
C GLU A 966 25.10 -11.68 -5.65
N PRO A 967 24.41 -10.56 -5.81
CA PRO A 967 22.96 -10.56 -5.66
C PRO A 967 22.24 -11.07 -6.89
N GLY A 968 21.01 -11.51 -6.67
CA GLY A 968 20.17 -11.88 -7.79
C GLY A 968 19.55 -10.67 -8.45
N ASP A 969 18.78 -10.94 -9.50
CA ASP A 969 18.06 -9.87 -10.17
C ASP A 969 16.96 -9.31 -9.27
N HIS A 970 16.36 -10.18 -8.45
CA HIS A 970 15.35 -9.73 -7.50
C HIS A 970 15.97 -8.91 -6.38
N GLU A 971 17.20 -9.23 -6.00
CA GLU A 971 17.86 -8.52 -4.91
C GLU A 971 18.35 -7.15 -5.37
N VAL A 972 18.81 -7.04 -6.62
CA VAL A 972 19.20 -5.75 -7.17
C VAL A 972 17.98 -4.84 -7.27
N ILE A 973 16.85 -5.39 -7.71
CA ILE A 973 15.62 -4.61 -7.84
C ILE A 973 15.11 -4.18 -6.46
N SER A 974 15.29 -5.03 -5.45
CA SER A 974 14.86 -4.65 -4.10
C SER A 974 15.74 -3.55 -3.53
N TYR A 975 17.01 -3.51 -3.95
CA TYR A 975 17.91 -2.46 -3.50
C TYR A 975 17.57 -1.12 -4.14
N ILE A 976 17.01 -1.14 -5.35
CA ILE A 976 16.60 0.10 -5.99
C ILE A 976 15.28 0.61 -5.41
N MET A 977 14.34 -0.31 -5.16
CA MET A 977 13.07 0.05 -4.52
C MET A 977 13.29 0.63 -3.13
N TYR A 978 13.99 -0.09 -2.27
CA TYR A 978 14.15 0.27 -0.87
C TYR A 978 15.61 0.11 -0.52
N PRO A 979 16.44 1.13 -0.75
CA PRO A 979 17.88 0.98 -0.51
C PRO A 979 18.24 0.77 0.95
N GLN A 980 17.75 1.62 1.84
CA GLN A 980 18.10 1.46 3.25
C GLN A 980 17.40 0.27 3.88
N VAL A 981 16.17 -0.02 3.45
CA VAL A 981 15.40 -1.10 4.05
C VAL A 981 15.99 -2.46 3.68
N PHE A 982 16.41 -2.62 2.42
CA PHE A 982 17.04 -3.87 2.00
C PHE A 982 18.37 -4.08 2.70
N LEU A 983 19.15 -3.01 2.88
CA LEU A 983 20.42 -3.12 3.59
C LEU A 983 20.21 -3.44 5.06
N ASP A 984 19.16 -2.85 5.66
CA ASP A 984 18.84 -3.18 7.05
C ASP A 984 18.35 -4.63 7.17
N TYR A 985 17.63 -5.11 6.15
CA TYR A 985 17.21 -6.50 6.15
C TYR A 985 18.39 -7.44 6.05
N GLN A 986 19.39 -7.09 5.23
CA GLN A 986 20.56 -7.95 5.07
C GLN A 986 21.38 -8.00 6.36
N LYS A 987 21.44 -6.90 7.10
CA LYS A 987 22.15 -6.89 8.37
C LYS A 987 21.47 -7.79 9.38
N MET A 988 20.14 -7.79 9.41
CA MET A 988 19.42 -8.66 10.34
C MET A 988 19.53 -10.12 9.92
N GLN A 989 19.61 -10.37 8.62
CA GLN A 989 19.84 -11.73 8.13
C GLN A 989 21.19 -12.24 8.57
N ARG A 990 22.20 -11.37 8.60
CA ARG A 990 23.51 -11.77 9.09
C ARG A 990 23.49 -12.02 10.59
N GLU A 991 22.61 -11.33 11.30
CA GLU A 991 22.59 -11.43 12.76
C GLU A 991 21.65 -12.54 13.22
N PHE A 992 20.42 -12.55 12.72
CA PHE A 992 19.39 -13.44 13.22
C PHE A 992 19.02 -14.56 12.25
N GLY A 993 19.54 -14.54 11.03
CA GLY A 993 19.21 -15.60 10.11
C GLY A 993 17.79 -15.49 9.58
N ALA A 994 17.32 -16.60 9.01
CA ALA A 994 15.99 -16.66 8.41
C ALA A 994 14.97 -16.87 9.52
N VAL A 995 14.53 -15.76 10.14
CA VAL A 995 13.53 -15.83 11.19
C VAL A 995 12.15 -16.10 10.65
N THR A 996 12.00 -16.19 9.33
CA THR A 996 10.70 -16.52 8.74
C THR A 996 10.32 -17.96 9.02
N LEU A 997 11.28 -18.79 9.41
CA LEU A 997 10.99 -20.20 9.66
C LEU A 997 10.34 -20.41 11.01
N LEU A 998 10.43 -19.44 11.92
CA LEU A 998 9.77 -19.56 13.21
C LEU A 998 8.27 -19.39 13.07
N ASP A 999 7.52 -20.03 13.95
CA ASP A 999 6.09 -19.77 14.03
C ASP A 999 5.85 -18.38 14.62
N THR A 1000 4.66 -17.85 14.36
CA THR A 1000 4.35 -16.48 14.74
C THR A 1000 4.42 -16.20 16.26
N PRO A 1001 3.86 -17.03 17.17
CA PRO A 1001 4.04 -16.71 18.60
C PRO A 1001 5.50 -16.76 19.04
N THR A 1002 6.28 -17.68 18.49
CA THR A 1002 7.71 -17.71 18.79
C THR A 1002 8.43 -16.54 18.14
N PHE A 1003 7.99 -16.15 16.94
CA PHE A 1003 8.57 -14.98 16.29
C PHE A 1003 8.26 -13.70 17.06
N LEU A 1004 7.07 -13.62 17.64
CA LEU A 1004 6.67 -12.39 18.31
C LEU A 1004 7.02 -12.35 19.79
N HIS A 1005 7.11 -13.50 20.46
CA HIS A 1005 7.30 -13.51 21.91
C HIS A 1005 8.48 -14.35 22.37
N GLY A 1006 9.20 -15.00 21.47
CA GLY A 1006 10.32 -15.84 21.87
C GLY A 1006 9.89 -17.13 22.53
N ARG B 1067 15.81 22.75 26.91
CA ARG B 1067 16.05 21.94 25.72
C ARG B 1067 14.82 22.01 24.82
N LYS B 1068 13.77 22.63 25.33
CA LYS B 1068 12.57 22.86 24.56
C LYS B 1068 12.79 24.08 23.66
N ALA B 1069 12.52 23.92 22.37
CA ALA B 1069 12.67 25.05 21.45
C ALA B 1069 11.50 26.01 21.61
N GLU B 1070 11.82 27.30 21.74
CA GLU B 1070 10.82 28.32 22.02
C GLU B 1070 9.90 28.44 20.83
N THR B 1071 8.60 28.59 21.10
CA THR B 1071 7.63 28.78 20.04
C THR B 1071 7.31 30.26 19.89
N GLY B 1072 7.43 30.77 18.67
CA GLY B 1072 7.11 32.16 18.41
C GLY B 1072 8.20 32.91 17.67
N ASN B 1073 9.46 32.60 17.97
CA ASN B 1073 10.59 33.24 17.33
C ASN B 1073 11.25 32.22 16.41
N PRO B 1074 11.39 32.52 15.12
CA PRO B 1074 11.87 31.49 14.18
C PRO B 1074 13.36 31.19 14.27
N ASN B 1075 14.08 31.78 15.22
CA ASN B 1075 15.48 31.41 15.40
C ASN B 1075 15.62 29.99 15.91
N GLN B 1076 14.85 29.65 16.95
CA GLN B 1076 14.91 28.32 17.56
C GLN B 1076 14.02 27.39 16.75
N ILE B 1077 14.59 26.80 15.71
CA ILE B 1077 13.86 25.86 14.86
C ILE B 1077 13.93 24.48 15.50
N GLY B 1078 13.00 23.62 15.11
CA GLY B 1078 12.96 22.28 15.67
C GLY B 1078 12.37 21.27 14.71
N ALA B 1079 12.08 20.07 15.20
CA ALA B 1079 11.48 19.05 14.38
C ALA B 1079 9.97 19.14 14.44
N THR B 1080 9.31 18.18 13.82
CA THR B 1080 7.86 18.08 13.85
C THR B 1080 7.36 16.75 14.38
N MET B 1081 8.05 15.66 14.10
CA MET B 1081 7.66 14.33 14.54
C MET B 1081 8.82 13.70 15.30
N PRO B 1082 8.55 12.87 16.30
CA PRO B 1082 9.63 12.17 16.98
C PRO B 1082 10.25 11.11 16.08
N GLY B 1083 11.54 10.90 16.27
CA GLY B 1083 12.29 9.98 15.43
C GLY B 1083 13.77 10.09 15.72
N SER B 1084 14.59 10.17 14.68
CA SER B 1084 16.03 10.33 14.83
C SER B 1084 16.56 11.23 13.72
N VAL B 1085 17.44 12.16 14.10
CA VAL B 1085 18.16 12.93 13.10
C VAL B 1085 19.18 11.99 12.46
N LEU B 1086 19.14 11.87 11.13
CA LEU B 1086 20.04 10.94 10.47
C LEU B 1086 21.42 11.56 10.25
N GLU B 1087 21.46 12.74 9.64
CA GLU B 1087 22.74 13.39 9.34
C GLU B 1087 22.51 14.89 9.24
N ILE B 1088 23.46 15.65 9.77
CA ILE B 1088 23.40 17.10 9.81
C ILE B 1088 24.30 17.60 8.69
N LEU B 1089 23.69 18.07 7.59
CA LEU B 1089 24.46 18.49 6.42
C LEU B 1089 25.33 19.69 6.69
N VAL B 1090 24.89 20.58 7.55
CA VAL B 1090 25.59 21.83 7.82
C VAL B 1090 26.52 21.60 9.00
N LYS B 1091 27.64 22.31 9.04
CA LYS B 1091 28.51 22.27 10.20
C LYS B 1091 27.93 23.14 11.31
N ALA B 1092 28.72 23.42 12.34
CA ALA B 1092 28.27 24.25 13.44
C ALA B 1092 28.63 25.70 13.19
N GLY B 1093 27.64 26.58 13.25
CA GLY B 1093 27.89 28.01 13.19
C GLY B 1093 28.42 28.54 11.88
N ASP B 1094 27.85 28.13 10.76
CA ASP B 1094 28.27 28.58 9.45
C ASP B 1094 27.12 29.25 8.72
N LYS B 1095 27.38 29.64 7.47
CA LYS B 1095 26.41 30.43 6.71
C LYS B 1095 25.23 29.58 6.26
N VAL B 1096 24.05 30.19 6.26
CA VAL B 1096 22.81 29.55 5.82
C VAL B 1096 22.06 30.53 4.92
N GLN B 1097 21.66 30.06 3.75
CA GLN B 1097 20.86 30.85 2.81
C GLN B 1097 19.39 30.43 2.90
N LYS B 1098 18.50 31.39 2.65
CA LYS B 1098 17.06 31.17 2.74
C LYS B 1098 16.62 30.11 1.74
N GLY B 1099 16.10 29.00 2.28
CA GLY B 1099 15.76 27.86 1.46
C GLY B 1099 16.92 26.91 1.27
N GLN B 1100 17.45 26.40 2.37
CA GLN B 1100 18.53 25.44 2.31
C GLN B 1100 18.30 24.37 3.38
N ALA B 1101 18.44 23.11 2.98
CA ALA B 1101 18.32 22.01 3.91
C ALA B 1101 19.52 21.97 4.86
N LEU B 1102 19.24 21.88 6.16
CA LEU B 1102 20.27 21.84 7.18
C LEU B 1102 20.34 20.49 7.87
N MET B 1103 19.20 19.94 8.24
CA MET B 1103 19.07 18.75 9.05
C MET B 1103 17.85 17.97 8.56
N VAL B 1104 17.89 16.65 8.72
CA VAL B 1104 16.73 15.82 8.43
C VAL B 1104 16.15 15.32 9.74
N THR B 1105 14.83 15.39 9.87
CA THR B 1105 14.09 14.78 10.96
C THR B 1105 13.37 13.55 10.42
N GLU B 1106 12.69 12.83 11.31
CA GLU B 1106 12.21 11.51 10.94
C GLU B 1106 10.95 11.15 11.70
N ALA B 1107 10.17 10.26 11.09
CA ALA B 1107 9.10 9.50 11.71
C ALA B 1107 9.40 8.05 11.43
N MET B 1108 8.44 7.13 11.66
CA MET B 1108 8.73 5.74 11.33
C MET B 1108 8.84 5.54 9.82
N LYS B 1109 7.99 6.21 9.05
CA LYS B 1109 8.04 6.12 7.58
C LYS B 1109 7.78 7.49 6.97
N MET B 1110 8.40 8.53 7.53
CA MET B 1110 8.18 9.88 7.00
C MET B 1110 9.46 10.69 7.22
N GLU B 1111 9.97 11.26 6.14
CA GLU B 1111 11.16 12.09 6.17
C GLU B 1111 10.76 13.57 6.23
N THR B 1112 11.67 14.40 6.73
CA THR B 1112 11.45 15.84 6.75
C THR B 1112 12.82 16.51 6.73
N THR B 1113 13.19 17.06 5.58
CA THR B 1113 14.37 17.91 5.46
C THR B 1113 13.94 19.34 5.80
N ILE B 1114 14.26 19.80 7.00
CA ILE B 1114 13.81 21.13 7.38
C ILE B 1114 14.71 22.16 6.71
N GLU B 1115 14.09 23.15 6.08
CA GLU B 1115 14.82 24.13 5.28
C GLU B 1115 15.18 25.33 6.16
N ALA B 1116 15.63 26.41 5.52
CA ALA B 1116 16.00 27.60 6.25
C ALA B 1116 14.80 28.52 6.37
N PRO B 1117 14.38 28.89 7.58
CA PRO B 1117 13.28 29.86 7.71
C PRO B 1117 13.61 31.23 7.14
N PHE B 1118 14.88 31.63 7.17
CA PHE B 1118 15.28 32.95 6.71
C PHE B 1118 16.76 32.89 6.33
N ASP B 1119 17.37 34.06 6.16
CA ASP B 1119 18.79 34.18 5.86
C ASP B 1119 19.53 34.49 7.15
N GLY B 1120 20.38 33.57 7.59
CA GLY B 1120 21.11 33.74 8.83
C GLY B 1120 22.26 32.78 9.00
N GLU B 1121 22.66 32.54 10.26
CA GLU B 1121 23.80 31.67 10.56
C GLU B 1121 23.60 31.03 11.93
N ILE B 1122 24.11 29.81 12.09
CA ILE B 1122 23.97 29.12 13.37
C ILE B 1122 24.96 29.77 14.33
N VAL B 1123 24.72 29.62 15.63
CA VAL B 1123 25.71 29.90 16.64
C VAL B 1123 26.10 28.63 17.40
N ASP B 1124 25.14 27.74 17.65
CA ASP B 1124 25.42 26.49 18.32
C ASP B 1124 24.37 25.45 17.92
N LEU B 1125 24.80 24.19 17.92
CA LEU B 1125 24.00 23.08 17.47
C LEU B 1125 23.63 22.23 18.69
N HIS B 1126 22.43 21.63 18.65
CA HIS B 1126 21.88 20.96 19.82
C HIS B 1126 21.75 19.45 19.70
N VAL B 1127 21.69 18.89 18.50
CA VAL B 1127 21.54 17.45 18.33
C VAL B 1127 22.65 16.92 17.43
N VAL B 1128 22.93 15.63 17.55
CA VAL B 1128 24.07 14.99 16.90
C VAL B 1128 23.57 13.97 15.90
N LYS B 1129 24.50 13.27 15.26
CA LYS B 1129 24.14 12.18 14.37
C LYS B 1129 23.50 11.04 15.15
N GLY B 1130 22.25 10.74 14.81
CA GLY B 1130 21.68 9.44 15.10
C GLY B 1130 20.87 9.30 16.37
N GLU B 1131 20.91 10.25 17.30
CA GLU B 1131 20.16 10.01 18.52
C GLU B 1131 18.74 10.55 18.39
N ALA B 1132 17.88 10.09 19.29
CA ALA B 1132 16.45 10.36 19.19
C ALA B 1132 16.14 11.84 19.41
N ILE B 1133 15.11 12.31 18.71
CA ILE B 1133 14.61 13.67 18.87
C ILE B 1133 13.11 13.59 19.13
N GLN B 1134 12.56 14.66 19.68
CA GLN B 1134 11.14 14.73 20.01
C GLN B 1134 10.46 15.80 19.15
N THR B 1135 9.13 15.77 19.16
CA THR B 1135 8.36 16.84 18.57
C THR B 1135 8.66 18.14 19.30
N GLN B 1136 8.91 19.20 18.52
CA GLN B 1136 9.12 20.58 18.96
C GLN B 1136 10.49 20.75 19.63
N ASP B 1137 11.23 19.66 19.86
CA ASP B 1137 12.54 19.70 20.52
C ASP B 1137 13.54 20.56 19.76
N LEU B 1138 14.50 21.12 20.50
CA LEU B 1138 15.45 22.08 19.94
C LEU B 1138 16.48 21.40 19.07
N LEU B 1139 16.42 21.66 17.76
CA LEU B 1139 17.35 21.08 16.80
C LEU B 1139 18.47 22.05 16.45
N ILE B 1140 18.11 23.22 15.93
CA ILE B 1140 19.06 24.28 15.64
C ILE B 1140 18.46 25.60 16.10
N GLU B 1141 19.26 26.36 16.85
CA GLU B 1141 18.95 27.75 17.14
C GLU B 1141 19.86 28.51 16.18
N ILE B 1142 19.27 29.11 15.14
CA ILE B 1142 20.02 29.83 14.13
C ILE B 1142 19.72 31.32 14.28
N ASN B 1143 20.77 32.11 14.50
CA ASN B 1143 20.60 33.54 14.66
C ASN B 1143 20.54 34.22 13.30
MG MG C . -17.98 -13.26 -17.00
MN MN D . -7.78 -2.77 -1.27
O1 OAA E . -6.01 1.67 -0.64
O2 OAA E . -4.22 1.35 0.74
O4 OAA E . -0.63 -0.50 -0.99
O5 OAA E . -1.30 0.61 -2.88
O3 OAA E . -3.45 -1.25 -0.75
C1 OAA E . -4.75 1.35 -0.45
C2 OAA E . -3.91 1.00 -1.65
C3 OAA E . -3.02 -0.18 -1.35
C4 OAA E . -1.57 -0.02 -1.77
C11 BTN F . 4.58 1.12 7.11
O11 BTN F . 4.35 1.73 8.18
C10 BTN F . 3.54 0.23 6.49
C9 BTN F . 3.05 0.84 5.18
C8 BTN F . 2.56 2.26 5.37
C7 BTN F . 1.90 2.78 4.10
C2 BTN F . 0.74 1.88 3.69
S1 BTN F . 1.01 1.32 2.14
C6 BTN F . -0.77 1.12 1.88
C5 BTN F . -1.53 2.11 2.73
N1 BTN F . -1.82 3.30 1.98
C3 BTN F . -1.16 4.36 2.45
O3 BTN F . -1.23 5.66 1.91
N2 BTN F . -0.44 4.00 3.50
C4 BTN F . -0.58 2.60 3.81
#